data_5VHC
#
_entry.id   5VHC
#
_cell.length_a   61.878
_cell.length_b   111.516
_cell.length_c   62.966
_cell.angle_alpha   90.00
_cell.angle_beta   110.67
_cell.angle_gamma   90.00
#
_symmetry.space_group_name_H-M   'P 1 21 1'
#
loop_
_entity.id
_entity.type
_entity.pdbx_description
1 polymer 'DEAH (Asp-Glu-Ala-His) box polypeptide 36'
2 non-polymer 'MAGNESIUM ION'
3 non-polymer 'BERYLLIUM TRIFLUORIDE ION'
4 non-polymer "ADENOSINE-5'-DIPHOSPHATE"
5 water water
#
_entity_poly.entity_id   1
_entity_poly.type   'polypeptide(L)'
_entity_poly.pdbx_seq_one_letter_code
;MINQEKRPFRIRDKYIDRDSEYLLQENEPDATLDQQLLEDLQKKKTDLRYIEMQRFREKLPSYGMQKELVNMIDNHQVTV
ISGETGCGKTTQVTQFILDNYIERGKGSACRIVCTQPRRISAISVAERVAAERAESCGNGNSTGYQIRLQSRLPRKQGSI
LYCTTGIILQWLQSDPHLSSVSHIVLDEIHERNLQSDVLMTVVKDLLSYRPDLKVVLMSATLNAEKFSEYFGNCPMIHIP
GFTFPVVEYLLEDIIEKIRYVPEQKEHRSQFKKGFMQGHVNRQEKYYYEAIYKERWPGYLRELRQRYSASTVDVVEMMDD
EKVDLNLIAALIRYIVLEEEDGAILVFLPGWDNISTLHDLLMSQVMFKSDKFIIIPLHSLMPTVNQTQVFKRTPPGVRKI
VIATNIAETSITIDDVVYVIDGGKIKETHFDTQNNISTMSAEWVSKANAKQRKGRAGRVQPGHCYHLYNSLRASLLDDYQ
LPEILRTPLEELCLQIKILRLGGIAHFLSRLMDPPSNEAVLLSIKHLMELNALDKQEELTPLGVHLARLPVEPHIGKMIL
FGALFCCLDPVLTIAASLSFKDPFVIPLGKEKVADARRKELAKDTKSDHLTVVNAFKGWEKAKQRGFRYEKDYCWEYFLS
SNTLQMLHNMKGQFAEHLLGAGFVSSRNPQDPESNINSDNEKIIKAVICAGLYPKVAKIRLNLGKKRKMVKVYTKTDGVV
AIHPKSVNVEQTEFNYNWLIYHLKMRTSSIYLYDCTEVSPYCLLFFGGDISIQKDNDQETIAVDEWIIFQSPARIAHLVK
ELRKELDILLQEKIESPHPVDWKDTKSRDCAVLSAIIDLIKTQEKATPRNLPPRFQDGYYSPHHHHHHHH
;
_entity_poly.pdbx_strand_id   D
#
loop_
_chem_comp.id
_chem_comp.type
_chem_comp.name
_chem_comp.formula
ADP non-polymer ADENOSINE-5'-DIPHOSPHATE 'C10 H15 N5 O10 P2'
BEF non-polymer 'BERYLLIUM TRIFLUORIDE ION' 'Be F3 -1'
MG non-polymer 'MAGNESIUM ION' 'Mg 2'
#
# COMPACT_ATOMS: atom_id res chain seq x y z
N ARG A 18 -9.95 -6.08 -19.38
CA ARG A 18 -8.61 -5.82 -18.89
C ARG A 18 -8.23 -6.84 -17.81
N ASP A 19 -8.32 -6.43 -16.56
CA ASP A 19 -8.15 -7.36 -15.45
C ASP A 19 -9.43 -8.12 -15.14
N SER A 20 -10.46 -7.99 -15.99
CA SER A 20 -11.76 -8.60 -15.76
C SER A 20 -12.05 -9.71 -16.77
N GLU A 21 -11.01 -10.36 -17.29
CA GLU A 21 -11.23 -11.42 -18.28
C GLU A 21 -11.90 -12.63 -17.65
N TYR A 22 -11.49 -13.01 -16.44
CA TYR A 22 -12.10 -14.17 -15.79
C TYR A 22 -13.51 -13.86 -15.31
N LEU A 23 -13.77 -12.61 -14.90
CA LEU A 23 -15.09 -12.26 -14.39
C LEU A 23 -16.15 -12.33 -15.48
N LEU A 24 -15.88 -11.73 -16.64
CA LEU A 24 -16.87 -11.59 -17.70
C LEU A 24 -17.09 -12.87 -18.50
N GLN A 25 -16.47 -13.98 -18.09
CA GLN A 25 -16.87 -15.28 -18.64
C GLN A 25 -18.24 -15.66 -18.09
N GLU A 26 -18.86 -16.64 -18.73
CA GLU A 26 -20.16 -17.14 -18.29
C GLU A 26 -20.00 -18.50 -17.64
N ASN A 27 -20.54 -18.64 -16.42
CA ASN A 27 -20.55 -19.92 -15.72
C ASN A 27 -21.49 -20.87 -16.45
N GLU A 28 -20.95 -21.72 -17.31
CA GLU A 28 -21.71 -22.63 -18.15
C GLU A 28 -21.29 -24.06 -17.86
N PRO A 29 -21.86 -24.68 -16.84
CA PRO A 29 -21.51 -26.07 -16.51
C PRO A 29 -22.13 -27.03 -17.52
N ASP A 30 -21.38 -28.08 -17.86
CA ASP A 30 -21.85 -29.10 -18.77
C ASP A 30 -21.36 -30.47 -18.30
N ALA A 31 -22.12 -31.51 -18.66
CA ALA A 31 -21.82 -32.85 -18.16
C ALA A 31 -20.59 -33.46 -18.81
N THR A 32 -20.28 -33.06 -20.06
CA THR A 32 -19.11 -33.61 -20.73
C THR A 32 -17.82 -33.20 -20.04
N LEU A 33 -17.73 -31.93 -19.62
CA LEU A 33 -16.55 -31.49 -18.88
C LEU A 33 -16.54 -32.07 -17.46
N ASP A 34 -17.72 -32.30 -16.89
CA ASP A 34 -17.79 -32.97 -15.58
C ASP A 34 -17.16 -34.35 -15.65
N GLN A 35 -17.36 -35.06 -16.76
CA GLN A 35 -16.79 -36.40 -16.90
C GLN A 35 -15.28 -36.34 -17.14
N GLN A 36 -14.83 -35.37 -17.93
CA GLN A 36 -13.39 -35.22 -18.17
C GLN A 36 -12.66 -34.88 -16.87
N LEU A 37 -13.23 -33.99 -16.06
CA LEU A 37 -12.60 -33.65 -14.79
C LEU A 37 -12.60 -34.85 -13.84
N LEU A 38 -13.65 -35.68 -13.90
CA LEU A 38 -13.68 -36.87 -13.06
C LEU A 38 -12.66 -37.90 -13.53
N GLU A 39 -12.51 -38.07 -14.84
CA GLU A 39 -11.51 -38.99 -15.37
C GLU A 39 -10.10 -38.46 -15.14
N ASP A 40 -9.91 -37.14 -15.28
CA ASP A 40 -8.60 -36.55 -15.04
C ASP A 40 -8.18 -36.74 -13.59
N LEU A 41 -9.13 -36.69 -12.66
CA LEU A 41 -8.81 -36.89 -11.25
C LEU A 41 -8.34 -38.31 -10.99
N GLN A 42 -8.96 -39.29 -11.66
CA GLN A 42 -8.54 -40.67 -11.49
C GLN A 42 -7.17 -40.93 -12.10
N LYS A 43 -6.83 -40.23 -13.19
CA LYS A 43 -5.51 -40.36 -13.77
C LYS A 43 -4.45 -39.71 -12.90
N LYS A 44 -4.81 -38.61 -12.21
CA LYS A 44 -3.88 -37.99 -11.28
C LYS A 44 -3.50 -38.93 -10.15
N LYS A 45 -4.47 -39.73 -9.69
CA LYS A 45 -4.24 -40.63 -8.56
C LYS A 45 -3.24 -41.73 -8.86
N THR A 46 -2.78 -41.85 -10.11
CA THR A 46 -1.70 -42.77 -10.46
C THR A 46 -0.40 -42.05 -10.77
N ASP A 47 -0.38 -40.72 -10.70
CA ASP A 47 0.81 -39.93 -10.98
C ASP A 47 1.64 -39.77 -9.72
N LEU A 48 2.94 -40.08 -9.83
CA LEU A 48 3.82 -40.08 -8.66
C LEU A 48 3.88 -38.70 -8.02
N ARG A 49 4.03 -37.65 -8.83
CA ARG A 49 4.15 -36.30 -8.28
C ARG A 49 2.87 -35.87 -7.58
N TYR A 50 1.72 -36.29 -8.11
CA TYR A 50 0.45 -36.01 -7.43
C TYR A 50 0.32 -36.79 -6.14
N ILE A 51 0.71 -38.08 -6.17
CA ILE A 51 0.57 -38.93 -4.99
C ILE A 51 1.42 -38.42 -3.84
N GLU A 52 2.64 -37.95 -4.15
CA GLU A 52 3.51 -37.45 -3.09
C GLU A 52 2.98 -36.14 -2.51
N MET A 53 2.32 -35.32 -3.33
CA MET A 53 1.72 -34.10 -2.81
C MET A 53 0.54 -34.41 -1.91
N GLN A 54 -0.28 -35.41 -2.28
CA GLN A 54 -1.40 -35.80 -1.43
C GLN A 54 -0.93 -36.36 -0.10
N ARG A 55 0.25 -36.98 -0.08
CA ARG A 55 0.80 -37.47 1.18
C ARG A 55 1.05 -36.32 2.15
N PHE A 56 1.52 -35.18 1.64
CA PHE A 56 1.73 -34.02 2.49
C PHE A 56 0.40 -33.37 2.87
N ARG A 57 -0.57 -33.38 1.94
CA ARG A 57 -1.87 -32.76 2.23
C ARG A 57 -2.61 -33.50 3.32
N GLU A 58 -2.53 -34.83 3.32
CA GLU A 58 -3.22 -35.63 4.33
C GLU A 58 -2.68 -35.37 5.73
N LYS A 59 -1.47 -34.82 5.85
CA LYS A 59 -0.88 -34.49 7.14
C LYS A 59 -1.41 -33.17 7.71
N LEU A 60 -2.03 -32.33 6.89
CA LEU A 60 -2.52 -31.05 7.36
C LEU A 60 -3.75 -31.24 8.26
N PRO A 61 -3.91 -30.39 9.28
CA PRO A 61 -5.12 -30.47 10.12
C PRO A 61 -6.42 -30.29 9.33
N SER A 62 -6.35 -29.56 8.21
CA SER A 62 -7.56 -29.29 7.44
C SER A 62 -8.08 -30.54 6.74
N TYR A 63 -7.20 -31.51 6.44
CA TYR A 63 -7.63 -32.70 5.72
C TYR A 63 -8.60 -33.54 6.53
N GLY A 64 -8.44 -33.57 7.84
CA GLY A 64 -9.40 -34.28 8.68
C GLY A 64 -10.77 -33.63 8.66
N MET A 65 -10.82 -32.32 8.47
CA MET A 65 -12.07 -31.57 8.44
C MET A 65 -12.67 -31.46 7.04
N GLN A 66 -12.14 -32.21 6.08
CA GLN A 66 -12.54 -32.03 4.68
C GLN A 66 -14.03 -32.26 4.49
N LYS A 67 -14.55 -33.36 5.02
CA LYS A 67 -15.97 -33.65 4.88
C LYS A 67 -16.82 -32.63 5.63
N GLU A 68 -16.38 -32.22 6.82
CA GLU A 68 -17.17 -31.29 7.62
C GLU A 68 -17.18 -29.89 7.00
N LEU A 69 -16.02 -29.44 6.49
CA LEU A 69 -15.96 -28.12 5.88
C LEU A 69 -16.81 -28.05 4.62
N VAL A 70 -16.71 -29.08 3.77
CA VAL A 70 -17.47 -29.09 2.52
C VAL A 70 -18.96 -29.15 2.80
N ASN A 71 -19.37 -30.00 3.75
CA ASN A 71 -20.79 -30.14 4.07
C ASN A 71 -21.37 -28.85 4.64
N MET A 72 -20.58 -28.11 5.42
CA MET A 72 -21.09 -26.88 6.01
C MET A 72 -21.22 -25.77 4.97
N ILE A 73 -20.23 -25.64 4.09
CA ILE A 73 -20.30 -24.65 3.02
C ILE A 73 -21.45 -24.99 2.07
N ASP A 74 -21.75 -26.27 1.91
CA ASP A 74 -22.83 -26.68 1.00
C ASP A 74 -24.21 -26.40 1.59
N ASN A 75 -24.33 -26.36 2.92
CA ASN A 75 -25.62 -26.18 3.57
C ASN A 75 -25.89 -24.75 4.00
N HIS A 76 -24.90 -23.87 3.91
CA HIS A 76 -25.08 -22.49 4.33
C HIS A 76 -24.45 -21.55 3.30
N GLN A 77 -24.99 -20.34 3.21
CA GLN A 77 -24.52 -19.39 2.21
C GLN A 77 -23.22 -18.72 2.66
N VAL A 78 -23.11 -18.37 3.94
CA VAL A 78 -21.92 -17.71 4.47
C VAL A 78 -21.36 -18.59 5.59
N THR A 79 -20.04 -18.77 5.58
CA THR A 79 -19.35 -19.64 6.53
C THR A 79 -18.10 -18.94 7.03
N VAL A 80 -17.89 -18.97 8.34
CA VAL A 80 -16.70 -18.42 8.97
C VAL A 80 -15.80 -19.58 9.38
N ILE A 81 -14.57 -19.60 8.86
CA ILE A 81 -13.62 -20.67 9.11
C ILE A 81 -12.42 -20.08 9.86
N SER A 82 -12.11 -20.66 11.02
CA SER A 82 -10.95 -20.27 11.79
C SER A 82 -10.06 -21.49 12.03
N GLY A 83 -8.79 -21.22 12.29
CA GLY A 83 -7.83 -22.28 12.52
C GLY A 83 -6.45 -21.70 12.67
N GLU A 84 -5.58 -22.48 13.31
CA GLU A 84 -4.22 -22.04 13.58
C GLU A 84 -3.50 -21.67 12.29
N THR A 85 -2.49 -20.81 12.41
CA THR A 85 -1.67 -20.45 11.27
C THR A 85 -1.05 -21.68 10.64
N GLY A 86 -1.17 -21.79 9.32
CA GLY A 86 -0.62 -22.92 8.60
C GLY A 86 -1.41 -24.21 8.70
N CYS A 87 -2.62 -24.18 9.28
CA CYS A 87 -3.42 -25.39 9.37
C CYS A 87 -3.97 -25.82 8.02
N GLY A 88 -4.03 -24.91 7.05
CA GLY A 88 -4.41 -25.30 5.70
C GLY A 88 -5.63 -24.58 5.14
N LYS A 89 -6.00 -23.44 5.73
CA LYS A 89 -7.21 -22.75 5.28
C LYS A 89 -7.05 -22.26 3.84
N THR A 90 -5.99 -21.48 3.57
CA THR A 90 -5.88 -20.79 2.30
C THR A 90 -5.72 -21.77 1.13
N THR A 91 -4.91 -22.82 1.32
CA THR A 91 -4.54 -23.67 0.20
C THR A 91 -5.42 -24.90 0.03
N GLN A 92 -6.21 -25.27 1.04
CA GLN A 92 -6.97 -26.51 0.99
C GLN A 92 -8.47 -26.31 0.81
N VAL A 93 -9.05 -25.29 1.44
CA VAL A 93 -10.50 -25.10 1.38
C VAL A 93 -10.97 -24.95 -0.06
N THR A 94 -10.23 -24.17 -0.85
CA THR A 94 -10.58 -24.04 -2.27
C THR A 94 -10.52 -25.39 -2.98
N GLN A 95 -9.48 -26.18 -2.70
CA GLN A 95 -9.37 -27.50 -3.32
C GLN A 95 -10.46 -28.44 -2.82
N PHE A 96 -10.88 -28.30 -1.57
CA PHE A 96 -11.93 -29.16 -1.04
C PHE A 96 -13.24 -28.95 -1.78
N ILE A 97 -13.56 -27.69 -2.10
CA ILE A 97 -14.81 -27.40 -2.80
C ILE A 97 -14.75 -27.91 -4.23
N LEU A 98 -13.62 -27.69 -4.91
CA LEU A 98 -13.51 -28.12 -6.30
C LEU A 98 -13.47 -29.63 -6.42
N ASP A 99 -12.64 -30.30 -5.61
CA ASP A 99 -12.54 -31.75 -5.70
C ASP A 99 -13.82 -32.44 -5.28
N ASN A 100 -14.60 -31.83 -4.37
CA ASN A 100 -15.88 -32.41 -4.01
C ASN A 100 -16.86 -32.35 -5.16
N TYR A 101 -16.88 -31.24 -5.91
CA TYR A 101 -17.74 -31.14 -7.08
C TYR A 101 -17.31 -32.10 -8.17
N ILE A 102 -15.99 -32.25 -8.36
CA ILE A 102 -15.49 -33.15 -9.40
C ILE A 102 -15.89 -34.59 -9.10
N GLU A 103 -15.76 -35.01 -7.85
CA GLU A 103 -16.11 -36.37 -7.48
C GLU A 103 -17.62 -36.62 -7.51
N ARG A 104 -18.43 -35.56 -7.43
CA ARG A 104 -19.88 -35.70 -7.54
C ARG A 104 -20.38 -35.61 -8.97
N GLY A 105 -19.48 -35.50 -9.94
CA GLY A 105 -19.89 -35.39 -11.33
C GLY A 105 -20.44 -34.04 -11.72
N LYS A 106 -20.10 -32.99 -10.98
CA LYS A 106 -20.56 -31.64 -11.26
C LYS A 106 -19.43 -30.64 -11.10
N GLY A 107 -18.22 -31.04 -11.52
CA GLY A 107 -17.05 -30.21 -11.30
C GLY A 107 -17.05 -28.93 -12.11
N SER A 108 -17.65 -28.95 -13.31
CA SER A 108 -17.63 -27.77 -14.16
C SER A 108 -18.44 -26.61 -13.59
N ALA A 109 -19.32 -26.88 -12.63
CA ALA A 109 -20.11 -25.83 -12.02
C ALA A 109 -19.32 -24.97 -11.03
N CYS A 110 -18.03 -25.28 -10.82
CA CYS A 110 -17.21 -24.57 -9.85
C CYS A 110 -16.47 -23.42 -10.52
N ARG A 111 -16.60 -22.22 -9.93
CA ARG A 111 -15.83 -21.03 -10.32
C ARG A 111 -15.45 -20.33 -9.01
N ILE A 112 -14.39 -20.83 -8.38
CA ILE A 112 -14.03 -20.41 -7.03
C ILE A 112 -13.02 -19.28 -7.12
N VAL A 113 -13.31 -18.18 -6.44
CA VAL A 113 -12.41 -17.03 -6.36
C VAL A 113 -12.05 -16.80 -4.91
N CYS A 114 -10.75 -16.76 -4.62
CA CYS A 114 -10.23 -16.57 -3.28
C CYS A 114 -9.37 -15.32 -3.24
N THR A 115 -9.67 -14.42 -2.31
CA THR A 115 -8.97 -13.16 -2.22
C THR A 115 -7.74 -13.29 -1.32
N GLN A 116 -6.71 -12.54 -1.65
CA GLN A 116 -5.52 -12.38 -0.84
C GLN A 116 -5.24 -10.90 -0.67
N PRO A 117 -4.76 -10.47 0.50
CA PRO A 117 -4.58 -9.02 0.73
C PRO A 117 -3.46 -8.41 -0.08
N ARG A 118 -2.50 -9.19 -0.59
CA ARG A 118 -1.34 -8.64 -1.26
C ARG A 118 -0.97 -9.48 -2.47
N ARG A 119 -0.23 -8.86 -3.40
CA ARG A 119 0.15 -9.54 -4.63
C ARG A 119 1.08 -10.72 -4.36
N ILE A 120 1.97 -10.58 -3.38
CA ILE A 120 2.88 -11.68 -3.07
C ILE A 120 2.12 -12.89 -2.53
N SER A 121 1.02 -12.65 -1.80
CA SER A 121 0.20 -13.75 -1.31
C SER A 121 -0.53 -14.45 -2.46
N ALA A 122 -1.14 -13.66 -3.35
CA ALA A 122 -1.94 -14.24 -4.43
C ALA A 122 -1.08 -15.06 -5.37
N ILE A 123 0.13 -14.60 -5.67
CA ILE A 123 0.98 -15.30 -6.63
C ILE A 123 1.51 -16.59 -6.02
N SER A 124 2.07 -16.51 -4.81
CA SER A 124 2.73 -17.67 -4.21
C SER A 124 1.73 -18.75 -3.84
N VAL A 125 0.55 -18.36 -3.36
CA VAL A 125 -0.45 -19.36 -3.00
C VAL A 125 -0.97 -20.08 -4.24
N ALA A 126 -1.20 -19.34 -5.33
CA ALA A 126 -1.67 -19.97 -6.56
C ALA A 126 -0.63 -20.93 -7.12
N GLU A 127 0.65 -20.53 -7.10
CA GLU A 127 1.71 -21.45 -7.52
C GLU A 127 1.74 -22.69 -6.64
N ARG A 128 1.50 -22.53 -5.35
CA ARG A 128 1.53 -23.67 -4.43
C ARG A 128 0.36 -24.61 -4.69
N VAL A 129 -0.84 -24.08 -4.83
CA VAL A 129 -2.01 -24.92 -5.06
C VAL A 129 -1.90 -25.62 -6.41
N ALA A 130 -1.45 -24.91 -7.44
CA ALA A 130 -1.23 -25.53 -8.74
C ALA A 130 -0.22 -26.67 -8.65
N ALA A 131 0.82 -26.48 -7.83
CA ALA A 131 1.83 -27.52 -7.67
C ALA A 131 1.27 -28.72 -6.91
N GLU A 132 0.43 -28.46 -5.89
CA GLU A 132 -0.19 -29.56 -5.15
C GLU A 132 -1.09 -30.42 -6.02
N ARG A 133 -1.55 -29.89 -7.16
CA ARG A 133 -2.40 -30.60 -8.08
C ARG A 133 -1.64 -31.11 -9.30
N ALA A 134 -0.31 -31.16 -9.22
CA ALA A 134 0.54 -31.66 -10.31
C ALA A 134 0.29 -30.90 -11.61
N GLU A 135 0.19 -29.58 -11.51
CA GLU A 135 -0.07 -28.73 -12.66
C GLU A 135 0.79 -27.47 -12.58
N SER A 136 0.95 -26.83 -13.73
CA SER A 136 1.54 -25.50 -13.74
C SER A 136 0.47 -24.46 -13.43
N CYS A 137 0.92 -23.30 -12.94
CA CYS A 137 -0.01 -22.24 -12.60
C CYS A 137 -0.58 -21.62 -13.86
N GLY A 138 -1.90 -21.52 -13.92
CA GLY A 138 -2.56 -20.98 -15.10
C GLY A 138 -2.58 -21.94 -16.27
N ASN A 139 -2.37 -21.42 -17.47
CA ASN A 139 -2.27 -22.24 -18.69
C ASN A 139 -3.51 -23.12 -18.90
N GLY A 140 -4.67 -22.59 -18.55
CA GLY A 140 -5.90 -23.36 -18.69
C GLY A 140 -5.98 -24.58 -17.80
N ASN A 141 -5.20 -24.63 -16.72
CA ASN A 141 -5.28 -25.72 -15.76
C ASN A 141 -6.37 -25.40 -14.74
N SER A 142 -6.32 -26.06 -13.58
CA SER A 142 -7.38 -25.87 -12.58
C SER A 142 -7.15 -24.65 -11.72
N THR A 143 -5.92 -24.17 -11.60
CA THR A 143 -5.60 -23.10 -10.66
C THR A 143 -4.79 -22.02 -11.36
N GLY A 144 -5.07 -20.77 -11.01
CA GLY A 144 -4.33 -19.64 -11.51
C GLY A 144 -4.55 -18.43 -10.62
N TYR A 145 -3.95 -17.31 -11.01
CA TYR A 145 -4.08 -16.10 -10.23
C TYR A 145 -4.32 -14.91 -11.15
N GLN A 146 -4.75 -13.80 -10.54
CA GLN A 146 -5.02 -12.55 -11.24
C GLN A 146 -4.65 -11.39 -10.32
N ILE A 147 -3.79 -10.49 -10.79
CA ILE A 147 -3.50 -9.26 -10.07
C ILE A 147 -3.50 -8.12 -11.07
N ARG A 148 -3.07 -6.93 -10.63
CA ARG A 148 -3.06 -5.77 -11.50
C ARG A 148 -2.07 -5.96 -12.64
N LEU A 149 -2.59 -6.02 -13.87
CA LEU A 149 -1.81 -6.10 -15.09
C LEU A 149 -0.94 -7.36 -15.17
N GLN A 150 -1.31 -8.41 -14.43
CA GLN A 150 -0.58 -9.67 -14.49
C GLN A 150 -1.51 -10.79 -14.05
N SER A 151 -1.53 -11.87 -14.83
CA SER A 151 -2.42 -12.99 -14.52
C SER A 151 -1.88 -14.27 -15.15
N ARG A 152 -2.21 -15.39 -14.52
CA ARG A 152 -2.07 -16.72 -15.10
C ARG A 152 -3.47 -17.33 -15.02
N LEU A 153 -4.20 -17.31 -16.12
CA LEU A 153 -5.59 -17.67 -15.91
C LEU A 153 -5.79 -19.18 -16.05
N PRO A 154 -6.61 -19.77 -15.17
CA PRO A 154 -6.93 -21.20 -15.30
C PRO A 154 -8.03 -21.44 -16.31
N ARG A 155 -8.53 -22.67 -16.39
CA ARG A 155 -9.59 -22.99 -17.33
C ARG A 155 -10.89 -22.31 -16.93
N LYS A 156 -11.86 -22.34 -17.86
CA LYS A 156 -13.11 -21.62 -17.66
C LYS A 156 -13.94 -22.24 -16.53
N GLN A 157 -14.26 -23.53 -16.66
CA GLN A 157 -15.11 -24.21 -15.69
C GLN A 157 -14.27 -25.11 -14.79
N GLY A 158 -14.73 -25.26 -13.55
CA GLY A 158 -14.03 -26.08 -12.57
C GLY A 158 -12.64 -25.56 -12.28
N SER A 159 -12.55 -24.32 -11.80
CA SER A 159 -11.27 -23.66 -11.63
C SER A 159 -11.24 -22.91 -10.30
N ILE A 160 -10.03 -22.62 -9.85
CA ILE A 160 -9.77 -21.82 -8.66
C ILE A 160 -8.91 -20.63 -9.07
N LEU A 161 -9.31 -19.43 -8.65
CA LEU A 161 -8.59 -18.22 -8.98
C LEU A 161 -8.28 -17.45 -7.70
N TYR A 162 -6.99 -17.25 -7.43
CA TYR A 162 -6.57 -16.38 -6.34
C TYR A 162 -6.30 -14.99 -6.89
N CYS A 163 -6.67 -13.97 -6.12
CA CYS A 163 -6.51 -12.60 -6.57
C CYS A 163 -6.48 -11.68 -5.36
N THR A 164 -6.08 -10.43 -5.60
CA THR A 164 -6.10 -9.43 -4.56
C THR A 164 -7.52 -8.90 -4.36
N THR A 165 -7.80 -8.42 -3.15
CA THR A 165 -9.11 -7.84 -2.88
C THR A 165 -9.37 -6.61 -3.73
N GLY A 166 -8.32 -5.90 -4.13
CA GLY A 166 -8.47 -4.78 -5.03
C GLY A 166 -8.91 -5.19 -6.43
N ILE A 167 -8.66 -6.44 -6.83
CA ILE A 167 -9.13 -6.92 -8.12
C ILE A 167 -10.64 -7.13 -8.07
N ILE A 168 -11.16 -7.65 -6.97
CA ILE A 168 -12.60 -7.85 -6.85
C ILE A 168 -13.35 -6.53 -6.85
N LEU A 169 -12.78 -5.51 -6.19
CA LEU A 169 -13.41 -4.19 -6.18
C LEU A 169 -13.46 -3.61 -7.59
N GLN A 170 -12.39 -3.80 -8.37
CA GLN A 170 -12.43 -3.39 -9.77
C GLN A 170 -13.42 -4.22 -10.57
N TRP A 171 -13.57 -5.49 -10.22
CA TRP A 171 -14.56 -6.34 -10.89
C TRP A 171 -15.97 -5.79 -10.69
N LEU A 172 -16.27 -5.26 -9.51
CA LEU A 172 -17.61 -4.76 -9.21
C LEU A 172 -18.02 -3.60 -10.11
N GLN A 173 -17.05 -2.91 -10.73
CA GLN A 173 -17.37 -1.87 -11.68
C GLN A 173 -17.84 -2.44 -13.02
N SER A 174 -17.41 -3.65 -13.36
CA SER A 174 -17.86 -4.31 -14.58
C SER A 174 -19.05 -5.23 -14.35
N ASP A 175 -19.12 -5.87 -13.17
CA ASP A 175 -20.23 -6.75 -12.83
C ASP A 175 -20.43 -6.64 -11.31
N PRO A 176 -21.36 -5.79 -10.87
CA PRO A 176 -21.61 -5.66 -9.43
C PRO A 176 -22.23 -6.90 -8.80
N HIS A 177 -22.60 -7.90 -9.59
CA HIS A 177 -23.19 -9.13 -9.05
C HIS A 177 -22.23 -10.30 -9.05
N LEU A 178 -21.07 -10.19 -9.71
CA LEU A 178 -20.11 -11.27 -9.81
C LEU A 178 -20.81 -12.55 -10.28
N SER A 179 -21.56 -12.42 -11.37
CA SER A 179 -22.53 -13.44 -11.77
C SER A 179 -21.86 -14.79 -12.01
N SER A 180 -20.70 -14.79 -12.66
CA SER A 180 -20.06 -16.04 -13.04
C SER A 180 -19.35 -16.73 -11.88
N VAL A 181 -19.28 -16.12 -10.71
CA VAL A 181 -18.58 -16.70 -9.58
C VAL A 181 -19.55 -17.54 -8.75
N SER A 182 -19.19 -18.79 -8.50
CA SER A 182 -20.01 -19.68 -7.70
C SER A 182 -19.60 -19.68 -6.23
N HIS A 183 -18.32 -19.52 -5.93
CA HIS A 183 -17.83 -19.43 -4.57
C HIS A 183 -16.84 -18.27 -4.47
N ILE A 184 -17.04 -17.41 -3.48
CA ILE A 184 -16.10 -16.34 -3.19
C ILE A 184 -15.59 -16.53 -1.76
N VAL A 185 -14.26 -16.54 -1.61
CA VAL A 185 -13.61 -16.83 -0.34
C VAL A 185 -12.86 -15.58 0.08
N LEU A 186 -13.40 -14.87 1.06
CA LEU A 186 -12.74 -13.69 1.62
C LEU A 186 -11.74 -14.17 2.66
N ASP A 187 -10.48 -14.23 2.27
CA ASP A 187 -9.44 -14.80 3.11
C ASP A 187 -8.64 -13.71 3.81
N GLU A 188 -8.02 -14.10 4.93
CA GLU A 188 -7.17 -13.21 5.75
C GLU A 188 -7.94 -11.96 6.16
N ILE A 189 -9.21 -12.14 6.56
CA ILE A 189 -10.08 -11.02 6.90
C ILE A 189 -9.61 -10.28 8.15
N HIS A 190 -8.62 -10.79 8.87
CA HIS A 190 -8.05 -10.06 10.00
C HIS A 190 -7.36 -8.78 9.55
N GLU A 191 -6.89 -8.73 8.31
CA GLU A 191 -6.28 -7.53 7.75
C GLU A 191 -7.40 -6.57 7.37
N ARG A 192 -7.85 -5.79 8.35
CA ARG A 192 -9.02 -4.91 8.20
C ARG A 192 -8.62 -3.60 7.49
N ASN A 193 -8.10 -3.75 6.27
CA ASN A 193 -7.73 -2.59 5.49
C ASN A 193 -8.97 -1.95 4.87
N LEU A 194 -8.76 -0.77 4.27
CA LEU A 194 -9.87 0.02 3.74
C LEU A 194 -10.63 -0.76 2.66
N GLN A 195 -9.90 -1.38 1.73
CA GLN A 195 -10.55 -2.07 0.62
C GLN A 195 -11.26 -3.34 1.09
N SER A 196 -10.70 -4.02 2.10
CA SER A 196 -11.31 -5.25 2.58
C SER A 196 -12.65 -4.98 3.28
N ASP A 197 -12.72 -3.89 4.05
CA ASP A 197 -13.98 -3.54 4.71
C ASP A 197 -15.05 -3.16 3.69
N VAL A 198 -14.66 -2.46 2.63
CA VAL A 198 -15.61 -2.11 1.57
C VAL A 198 -16.10 -3.36 0.86
N LEU A 199 -15.17 -4.25 0.50
CA LEU A 199 -15.55 -5.47 -0.21
C LEU A 199 -16.43 -6.36 0.66
N MET A 200 -16.15 -6.42 1.97
CA MET A 200 -16.95 -7.27 2.85
C MET A 200 -18.37 -6.73 2.98
N THR A 201 -18.52 -5.40 3.04
CA THR A 201 -19.86 -4.83 3.12
C THR A 201 -20.61 -4.98 1.79
N VAL A 202 -19.89 -4.94 0.68
CA VAL A 202 -20.54 -5.13 -0.63
C VAL A 202 -21.00 -6.57 -0.79
N VAL A 203 -20.21 -7.52 -0.30
CA VAL A 203 -20.60 -8.93 -0.39
C VAL A 203 -21.83 -9.20 0.47
N LYS A 204 -21.90 -8.58 1.66
CA LYS A 204 -23.05 -8.79 2.52
C LYS A 204 -24.34 -8.31 1.86
N ASP A 205 -24.30 -7.17 1.19
CA ASP A 205 -25.49 -6.69 0.47
C ASP A 205 -25.81 -7.58 -0.72
N LEU A 206 -24.80 -8.23 -1.30
CA LEU A 206 -24.99 -9.03 -2.51
C LEU A 206 -25.63 -10.39 -2.22
N LEU A 207 -25.66 -10.82 -0.96
CA LEU A 207 -26.11 -12.17 -0.64
C LEU A 207 -27.55 -12.41 -1.11
N SER A 208 -28.45 -11.47 -0.81
CA SER A 208 -29.84 -11.64 -1.22
C SER A 208 -30.01 -11.61 -2.73
N TYR A 209 -29.18 -10.83 -3.42
CA TYR A 209 -29.23 -10.78 -4.88
C TYR A 209 -28.50 -11.94 -5.53
N ARG A 210 -27.75 -12.72 -4.75
CA ARG A 210 -27.03 -13.91 -5.25
C ARG A 210 -27.30 -15.08 -4.33
N PRO A 211 -28.53 -15.63 -4.36
CA PRO A 211 -28.83 -16.78 -3.49
C PRO A 211 -28.05 -18.03 -3.87
N ASP A 212 -27.53 -18.10 -5.08
CA ASP A 212 -26.70 -19.22 -5.51
C ASP A 212 -25.24 -19.05 -5.13
N LEU A 213 -24.85 -17.89 -4.62
CA LEU A 213 -23.46 -17.63 -4.26
C LEU A 213 -23.15 -18.20 -2.89
N LYS A 214 -21.91 -18.67 -2.73
CA LYS A 214 -21.39 -19.17 -1.46
C LYS A 214 -20.24 -18.29 -1.02
N VAL A 215 -20.26 -17.87 0.23
CA VAL A 215 -19.24 -16.97 0.79
C VAL A 215 -18.56 -17.67 1.96
N VAL A 216 -17.23 -17.61 1.99
CA VAL A 216 -16.44 -18.20 3.06
C VAL A 216 -15.52 -17.13 3.64
N LEU A 217 -15.48 -17.04 4.97
CA LEU A 217 -14.66 -16.07 5.68
C LEU A 217 -13.61 -16.84 6.48
N MET A 218 -12.34 -16.51 6.25
CA MET A 218 -11.25 -17.28 6.85
C MET A 218 -10.18 -16.36 7.44
N SER A 219 -9.70 -16.74 8.62
CA SER A 219 -8.57 -16.08 9.27
C SER A 219 -8.07 -16.97 10.40
N ALA A 220 -6.82 -16.76 10.80
CA ALA A 220 -6.25 -17.47 11.94
C ALA A 220 -6.41 -16.72 13.25
N THR A 221 -6.38 -15.40 13.20
CA THR A 221 -6.52 -14.55 14.39
C THR A 221 -7.79 -13.72 14.19
N LEU A 222 -8.87 -14.10 14.87
CA LEU A 222 -10.17 -13.54 14.53
C LEU A 222 -11.10 -13.53 15.74
N ASN A 223 -11.76 -12.40 15.96
CA ASN A 223 -12.98 -12.36 16.76
C ASN A 223 -14.09 -12.89 15.87
N ALA A 224 -14.15 -14.22 15.78
CA ALA A 224 -15.08 -14.84 14.83
C ALA A 224 -16.52 -14.44 15.13
N GLU A 225 -16.90 -14.35 16.41
CA GLU A 225 -18.28 -14.05 16.75
C GLU A 225 -18.71 -12.69 16.21
N LYS A 226 -17.78 -11.76 16.07
CA LYS A 226 -18.08 -10.46 15.48
C LYS A 226 -18.44 -10.59 14.01
N PHE A 227 -17.76 -11.49 13.28
CA PHE A 227 -18.03 -11.66 11.86
C PHE A 227 -19.29 -12.48 11.61
N SER A 228 -19.51 -13.51 12.43
CA SER A 228 -20.74 -14.31 12.30
C SER A 228 -21.97 -13.44 12.52
N GLU A 229 -21.99 -12.69 13.63
CA GLU A 229 -23.12 -11.79 13.91
C GLU A 229 -23.31 -10.77 12.79
N TYR A 230 -22.21 -10.29 12.20
CA TYR A 230 -22.31 -9.33 11.12
C TYR A 230 -22.97 -9.93 9.89
N PHE A 231 -22.75 -11.22 9.65
CA PHE A 231 -23.34 -11.93 8.51
C PHE A 231 -24.55 -12.76 8.93
N GLY A 232 -25.45 -12.13 9.68
CA GLY A 232 -26.70 -12.77 10.09
C GLY A 232 -26.56 -14.03 10.91
N ASN A 233 -25.61 -14.05 11.86
CA ASN A 233 -25.37 -15.22 12.72
C ASN A 233 -25.07 -16.46 11.89
N CYS A 234 -24.24 -16.29 10.87
CA CYS A 234 -23.83 -17.40 10.03
C CYS A 234 -23.04 -18.41 10.86
N PRO A 235 -23.05 -19.68 10.46
CA PRO A 235 -22.36 -20.70 11.26
C PRO A 235 -20.86 -20.52 11.22
N MET A 236 -20.22 -21.03 12.26
CA MET A 236 -18.77 -20.98 12.40
C MET A 236 -18.22 -22.39 12.49
N ILE A 237 -16.99 -22.56 12.02
CA ILE A 237 -16.32 -23.85 12.08
C ILE A 237 -14.84 -23.62 12.33
N HIS A 238 -14.30 -24.28 13.35
CA HIS A 238 -12.91 -24.14 13.75
C HIS A 238 -12.15 -25.38 13.33
N ILE A 239 -11.02 -25.19 12.65
CA ILE A 239 -10.13 -26.28 12.25
C ILE A 239 -9.16 -26.52 13.40
N PRO A 240 -9.30 -27.60 14.16
CA PRO A 240 -8.42 -27.81 15.31
C PRO A 240 -7.08 -28.41 14.90
N GLY A 241 -6.06 -28.13 15.69
CA GLY A 241 -4.76 -28.72 15.50
C GLY A 241 -3.73 -27.71 15.02
N PHE A 242 -2.47 -28.06 15.22
CA PHE A 242 -1.33 -27.28 14.75
C PHE A 242 -0.55 -28.12 13.74
N THR A 243 0.14 -27.43 12.83
CA THR A 243 0.97 -28.14 11.87
C THR A 243 2.33 -28.51 12.46
N PHE A 244 3.01 -27.55 13.07
CA PHE A 244 4.29 -27.76 13.72
C PHE A 244 4.41 -26.81 14.90
N PRO A 245 5.07 -27.22 15.98
CA PRO A 245 5.20 -26.33 17.14
C PRO A 245 6.12 -25.14 16.84
N VAL A 246 5.90 -24.07 17.59
CA VAL A 246 6.69 -22.86 17.49
C VAL A 246 7.00 -22.36 18.90
N VAL A 247 8.28 -22.26 19.23
CA VAL A 247 8.70 -21.75 20.53
C VAL A 247 8.66 -20.22 20.49
N GLU A 248 8.10 -19.62 21.54
CA GLU A 248 8.00 -18.18 21.65
C GLU A 248 8.95 -17.66 22.71
N TYR A 249 9.61 -16.54 22.41
CA TYR A 249 10.57 -15.91 23.31
C TYR A 249 10.22 -14.44 23.46
N LEU A 250 10.18 -13.96 24.70
CA LEU A 250 10.00 -12.54 24.96
C LEU A 250 11.36 -11.88 25.11
N LEU A 251 11.34 -10.56 25.37
CA LEU A 251 12.58 -9.80 25.44
C LEU A 251 13.50 -10.32 26.53
N GLU A 252 12.95 -10.68 27.69
CA GLU A 252 13.77 -11.20 28.77
C GLU A 252 14.42 -12.52 28.37
N ASP A 253 13.68 -13.37 27.65
CA ASP A 253 14.22 -14.66 27.23
C ASP A 253 15.31 -14.48 26.17
N ILE A 254 15.18 -13.46 25.31
CA ILE A 254 16.18 -13.22 24.29
C ILE A 254 17.49 -12.76 24.93
N ILE A 255 17.40 -11.80 25.86
CA ILE A 255 18.59 -11.26 26.50
C ILE A 255 19.24 -12.31 27.39
N GLU A 256 18.43 -13.15 28.04
CA GLU A 256 18.98 -14.20 28.90
C GLU A 256 19.70 -15.26 28.06
N LYS A 257 19.16 -15.58 26.88
CA LYS A 257 19.73 -16.65 26.07
C LYS A 257 21.06 -16.23 25.45
N ILE A 258 21.11 -15.04 24.84
CA ILE A 258 22.29 -14.60 24.11
C ILE A 258 23.21 -13.73 24.94
N ARG A 259 22.85 -13.44 26.20
CA ARG A 259 23.67 -12.63 27.10
C ARG A 259 24.01 -11.28 26.47
N TYR A 260 22.99 -10.61 25.96
CA TYR A 260 23.18 -9.37 25.22
C TYR A 260 23.40 -8.21 26.18
N VAL A 261 24.39 -7.36 25.86
CA VAL A 261 24.66 -6.14 26.59
C VAL A 261 24.78 -5.02 25.57
N PRO A 262 23.95 -3.98 25.63
CA PRO A 262 24.02 -2.92 24.61
C PRO A 262 25.33 -2.14 24.69
N GLU A 263 25.99 -2.00 23.55
CA GLU A 263 27.25 -1.29 23.47
C GLU A 263 27.06 0.21 23.66
N TYR A 286 -2.51 5.97 25.22
CA TYR A 286 -1.86 7.04 25.98
C TYR A 286 -1.91 6.76 27.47
N TYR A 287 -3.05 6.29 27.95
CA TYR A 287 -3.19 5.99 29.37
C TYR A 287 -2.61 4.62 29.72
N TYR A 288 -2.56 3.70 28.76
CA TYR A 288 -1.94 2.40 29.00
C TYR A 288 -0.46 2.55 29.38
N GLU A 289 0.18 3.62 28.92
CA GLU A 289 1.57 3.87 29.30
C GLU A 289 1.69 4.22 30.78
N ALA A 290 0.69 4.90 31.34
CA ALA A 290 0.68 5.15 32.77
C ALA A 290 0.57 3.86 33.57
N ILE A 291 -0.17 2.89 33.04
CA ILE A 291 -0.23 1.57 33.67
C ILE A 291 1.11 0.87 33.58
N TYR A 292 1.78 1.00 32.43
CA TYR A 292 3.10 0.40 32.26
C TYR A 292 4.10 0.99 33.25
N LYS A 293 4.09 2.32 33.39
CA LYS A 293 5.01 2.99 34.31
C LYS A 293 4.67 2.65 35.76
N GLU A 294 3.40 2.42 36.06
CA GLU A 294 3.00 2.11 37.44
C GLU A 294 3.44 0.70 37.84
N ARG A 295 3.32 -0.26 36.93
CA ARG A 295 3.71 -1.63 37.21
C ARG A 295 5.16 -1.93 36.85
N TRP A 296 5.89 -0.95 36.33
CA TRP A 296 7.28 -1.17 35.94
C TRP A 296 8.19 -1.52 37.10
N PRO A 297 8.18 -0.81 38.24
CA PRO A 297 9.14 -1.17 39.30
C PRO A 297 8.89 -2.53 39.91
N GLY A 298 7.62 -2.89 40.17
CA GLY A 298 7.33 -4.21 40.68
C GLY A 298 7.60 -5.31 39.67
N TYR A 299 7.44 -5.02 38.38
CA TYR A 299 7.76 -5.99 37.34
C TYR A 299 9.25 -6.31 37.33
N LEU A 300 10.10 -5.28 37.49
CA LEU A 300 11.53 -5.52 37.56
C LEU A 300 11.92 -6.32 38.79
N ARG A 301 11.20 -6.13 39.90
CA ARG A 301 11.51 -6.88 41.11
C ARG A 301 11.15 -8.35 40.95
N GLU A 302 9.98 -8.63 40.37
CA GLU A 302 9.60 -10.01 40.10
C GLU A 302 10.46 -10.65 39.01
N LEU A 303 11.09 -9.82 38.16
CA LEU A 303 11.92 -10.36 37.09
C LEU A 303 13.28 -10.81 37.60
N ARG A 304 13.81 -10.16 38.64
CA ARG A 304 15.11 -10.54 39.18
C ARG A 304 15.07 -11.90 39.87
N GLN A 305 13.89 -12.40 40.21
CA GLN A 305 13.76 -13.71 40.82
C GLN A 305 13.72 -14.84 39.80
N ARG A 306 13.59 -14.53 38.51
CA ARG A 306 13.52 -15.54 37.46
C ARG A 306 14.61 -15.39 36.41
N TYR A 307 15.39 -14.31 36.43
CA TYR A 307 16.43 -14.09 35.44
C TYR A 307 17.67 -13.54 36.14
N SER A 308 18.81 -13.67 35.45
CA SER A 308 20.06 -13.15 36.00
C SER A 308 20.00 -11.62 36.07
N ALA A 309 20.73 -11.07 37.05
CA ALA A 309 20.68 -9.63 37.30
C ALA A 309 21.16 -8.83 36.10
N SER A 310 22.08 -9.39 35.32
CA SER A 310 22.59 -8.68 34.14
C SER A 310 21.47 -8.45 33.13
N THR A 311 20.66 -9.46 32.87
CA THR A 311 19.59 -9.32 31.88
C THR A 311 18.51 -8.37 32.37
N VAL A 312 18.20 -8.39 33.67
CA VAL A 312 17.21 -7.47 34.22
C VAL A 312 17.68 -6.03 34.07
N ASP A 313 18.99 -5.80 34.26
CA ASP A 313 19.53 -4.46 34.05
C ASP A 313 19.44 -4.06 32.59
N VAL A 314 19.60 -5.00 31.67
CA VAL A 314 19.48 -4.69 30.25
C VAL A 314 18.02 -4.38 29.90
N VAL A 315 17.08 -5.15 30.45
CA VAL A 315 15.66 -4.88 30.23
C VAL A 315 15.30 -3.49 30.75
N GLU A 316 15.97 -3.05 31.82
CA GLU A 316 15.64 -1.75 32.42
C GLU A 316 16.07 -0.60 31.53
N MET A 317 17.14 -0.77 30.76
CA MET A 317 17.63 0.31 29.89
C MET A 317 17.24 0.13 28.44
N MET A 318 16.40 -0.85 28.11
CA MET A 318 15.88 -0.97 26.76
C MET A 318 15.02 0.24 26.44
N ASP A 319 15.01 0.61 25.15
CA ASP A 319 14.29 1.79 24.69
C ASP A 319 12.98 1.36 24.03
N ASP A 320 11.86 1.90 24.52
CA ASP A 320 10.57 1.63 23.93
C ASP A 320 10.27 2.47 22.71
N GLU A 321 11.12 3.46 22.40
CA GLU A 321 10.82 4.38 21.30
C GLU A 321 11.01 3.72 19.95
N LYS A 322 12.11 2.99 19.77
CA LYS A 322 12.44 2.40 18.49
C LYS A 322 12.87 0.95 18.69
N VAL A 323 12.93 0.22 17.59
CA VAL A 323 13.37 -1.18 17.62
C VAL A 323 14.88 -1.24 17.72
N ASP A 324 15.38 -2.03 18.66
CA ASP A 324 16.82 -2.19 18.85
C ASP A 324 17.38 -3.03 17.72
N LEU A 325 17.94 -2.37 16.70
CA LEU A 325 18.52 -3.11 15.59
C LEU A 325 19.82 -3.79 15.98
N ASN A 326 20.55 -3.23 16.95
CA ASN A 326 21.74 -3.91 17.45
C ASN A 326 21.38 -5.22 18.14
N LEU A 327 20.26 -5.24 18.87
CA LEU A 327 19.80 -6.47 19.50
C LEU A 327 19.40 -7.51 18.45
N ILE A 328 18.73 -7.07 17.39
CA ILE A 328 18.33 -8.01 16.33
C ILE A 328 19.56 -8.59 15.65
N ALA A 329 20.56 -7.75 15.36
CA ALA A 329 21.78 -8.24 14.73
C ALA A 329 22.51 -9.21 15.65
N ALA A 330 22.57 -8.90 16.94
CA ALA A 330 23.21 -9.82 17.89
C ALA A 330 22.44 -11.13 18.00
N LEU A 331 21.10 -11.07 17.89
CA LEU A 331 20.32 -12.30 17.89
C LEU A 331 20.53 -13.10 16.61
N ILE A 332 20.65 -12.40 15.47
CA ILE A 332 20.94 -13.07 14.20
C ILE A 332 22.29 -13.76 14.28
N ARG A 333 23.29 -13.10 14.87
CA ARG A 333 24.60 -13.73 15.02
C ARG A 333 24.52 -14.97 15.89
N TYR A 334 23.72 -14.93 16.96
CA TYR A 334 23.58 -16.09 17.82
C TYR A 334 22.91 -17.25 17.09
N ILE A 335 21.92 -16.96 16.25
CA ILE A 335 21.21 -18.02 15.54
C ILE A 335 22.14 -18.72 14.56
N VAL A 336 22.88 -17.95 13.77
CA VAL A 336 23.72 -18.54 12.74
C VAL A 336 24.96 -19.24 13.32
N LEU A 337 25.35 -18.89 14.54
CA LEU A 337 26.56 -19.46 15.13
C LEU A 337 26.29 -20.55 16.16
N GLU A 338 25.07 -20.64 16.69
CA GLU A 338 24.76 -21.60 17.74
C GLU A 338 23.57 -22.49 17.45
N GLU A 339 22.70 -22.13 16.52
CA GLU A 339 21.49 -22.90 16.25
C GLU A 339 21.61 -23.63 14.91
N GLU A 340 20.69 -24.56 14.68
CA GLU A 340 20.72 -25.39 13.49
C GLU A 340 20.33 -24.58 12.25
N ASP A 341 20.32 -25.26 11.10
CA ASP A 341 20.02 -24.62 9.84
C ASP A 341 18.57 -24.15 9.80
N GLY A 342 18.31 -23.19 8.90
CA GLY A 342 16.99 -22.63 8.74
C GLY A 342 17.01 -21.14 8.47
N ALA A 343 16.14 -20.67 7.58
CA ALA A 343 16.11 -19.27 7.22
C ALA A 343 15.60 -18.42 8.38
N ILE A 344 15.95 -17.13 8.33
CA ILE A 344 15.57 -16.16 9.34
C ILE A 344 14.71 -15.09 8.69
N LEU A 345 13.57 -14.77 9.32
CA LEU A 345 12.65 -13.76 8.83
C LEU A 345 12.51 -12.68 9.89
N VAL A 346 12.86 -11.45 9.54
CA VAL A 346 12.87 -10.32 10.46
C VAL A 346 11.76 -9.36 10.06
N PHE A 347 11.02 -8.88 11.06
CA PHE A 347 9.91 -7.95 10.86
C PHE A 347 10.29 -6.60 11.43
N LEU A 348 10.36 -5.59 10.56
CA LEU A 348 10.71 -4.23 10.93
C LEU A 348 9.59 -3.27 10.51
N PRO A 349 9.48 -2.12 11.17
CA PRO A 349 8.36 -1.20 10.84
C PRO A 349 8.41 -0.65 9.42
N GLY A 350 9.56 -0.16 8.97
CA GLY A 350 9.62 0.48 7.67
C GLY A 350 10.87 0.21 6.87
N TRP A 351 11.06 0.98 5.79
CA TRP A 351 12.19 0.77 4.90
C TRP A 351 13.49 1.27 5.49
N ASP A 352 13.46 2.35 6.27
CA ASP A 352 14.68 2.88 6.87
C ASP A 352 15.28 1.88 7.85
N ASN A 353 14.43 1.13 8.57
CA ASN A 353 14.94 0.11 9.48
C ASN A 353 15.54 -1.05 8.72
N ILE A 354 14.93 -1.45 7.60
CA ILE A 354 15.41 -2.59 6.83
C ILE A 354 16.81 -2.30 6.28
N SER A 355 16.97 -1.14 5.65
CA SER A 355 18.26 -0.79 5.06
C SER A 355 19.33 -0.58 6.14
N THR A 356 18.93 -0.07 7.31
CA THR A 356 19.90 0.13 8.39
C THR A 356 20.42 -1.21 8.90
N LEU A 357 19.52 -2.16 9.12
CA LEU A 357 19.93 -3.49 9.58
C LEU A 357 20.74 -4.21 8.50
N HIS A 358 20.37 -4.04 7.24
CA HIS A 358 21.10 -4.68 6.15
C HIS A 358 22.53 -4.18 6.09
N ASP A 359 22.72 -2.86 6.16
CA ASP A 359 24.06 -2.29 6.23
C ASP A 359 24.77 -2.70 7.51
N LEU A 360 24.02 -2.88 8.60
CA LEU A 360 24.61 -3.32 9.85
C LEU A 360 25.17 -4.74 9.73
N LEU A 361 24.44 -5.63 9.06
CA LEU A 361 24.91 -6.99 8.87
C LEU A 361 26.03 -7.06 7.83
N MET A 362 25.86 -6.33 6.72
CA MET A 362 26.85 -6.38 5.65
C MET A 362 28.18 -5.73 6.05
N SER A 363 28.20 -4.94 7.13
CA SER A 363 29.45 -4.37 7.61
C SER A 363 30.29 -5.38 8.39
N GLN A 364 29.72 -6.55 8.73
CA GLN A 364 30.44 -7.59 9.44
C GLN A 364 31.01 -8.59 8.45
N VAL A 365 32.21 -9.10 8.75
CA VAL A 365 32.89 -10.02 7.85
C VAL A 365 32.05 -11.28 7.63
N MET A 366 31.38 -11.75 8.68
CA MET A 366 30.64 -13.01 8.59
C MET A 366 29.56 -12.96 7.53
N PHE A 367 28.78 -11.88 7.50
CA PHE A 367 27.68 -11.76 6.54
C PHE A 367 28.14 -11.25 5.19
N LYS A 368 29.39 -10.79 5.06
CA LYS A 368 29.92 -10.41 3.75
C LYS A 368 30.02 -11.62 2.83
N SER A 369 30.35 -12.78 3.39
CA SER A 369 30.62 -13.96 2.58
C SER A 369 29.34 -14.43 1.88
N ASP A 370 29.51 -15.43 1.01
CA ASP A 370 28.42 -15.98 0.24
C ASP A 370 27.70 -17.11 0.96
N LYS A 371 28.04 -17.36 2.23
CA LYS A 371 27.28 -18.28 3.05
C LYS A 371 25.95 -17.68 3.52
N PHE A 372 25.66 -16.44 3.14
CA PHE A 372 24.44 -15.75 3.55
C PHE A 372 23.85 -15.01 2.37
N ILE A 373 22.53 -15.04 2.26
CA ILE A 373 21.78 -14.27 1.27
C ILE A 373 20.76 -13.44 2.04
N ILE A 374 20.97 -12.13 2.08
CA ILE A 374 20.10 -11.21 2.83
C ILE A 374 19.15 -10.56 1.84
N ILE A 375 17.85 -10.79 2.02
CA ILE A 375 16.84 -10.35 1.07
C ILE A 375 15.91 -9.34 1.74
N PRO A 376 15.96 -8.06 1.36
CA PRO A 376 14.97 -7.11 1.85
C PRO A 376 13.62 -7.35 1.21
N LEU A 377 12.56 -6.99 1.93
CA LEU A 377 11.19 -7.20 1.46
C LEU A 377 10.36 -5.97 1.81
N HIS A 378 9.90 -5.25 0.79
CA HIS A 378 9.11 -4.05 0.97
C HIS A 378 8.00 -4.04 -0.09
N SER A 379 6.85 -3.48 0.28
CA SER A 379 5.71 -3.45 -0.63
C SER A 379 6.01 -2.61 -1.86
N LEU A 380 6.91 -1.64 -1.75
CA LEU A 380 7.26 -0.76 -2.86
C LEU A 380 8.21 -1.42 -3.85
N MET A 381 8.53 -2.70 -3.66
CA MET A 381 9.43 -3.38 -4.58
C MET A 381 8.67 -4.01 -5.74
N PRO A 382 9.33 -4.16 -6.89
CA PRO A 382 8.69 -4.86 -8.01
C PRO A 382 8.36 -6.30 -7.63
N THR A 383 7.33 -6.84 -8.29
CA THR A 383 6.85 -8.18 -7.93
C THR A 383 7.92 -9.23 -8.16
N VAL A 384 8.81 -9.03 -9.13
CA VAL A 384 9.88 -9.99 -9.38
C VAL A 384 10.83 -10.05 -8.18
N ASN A 385 11.12 -8.89 -7.58
CA ASN A 385 11.99 -8.86 -6.42
C ASN A 385 11.33 -9.50 -5.20
N GLN A 386 10.00 -9.38 -5.08
CA GLN A 386 9.31 -9.93 -3.93
C GLN A 386 9.26 -11.45 -3.96
N THR A 387 9.21 -12.04 -5.15
CA THR A 387 9.10 -13.49 -5.28
C THR A 387 10.42 -14.21 -5.01
N GLN A 388 11.55 -13.50 -5.07
CA GLN A 388 12.84 -14.15 -4.83
C GLN A 388 12.95 -14.71 -3.42
N VAL A 389 12.08 -14.27 -2.50
CA VAL A 389 12.08 -14.79 -1.13
C VAL A 389 11.70 -16.26 -1.10
N PHE A 390 10.95 -16.74 -2.09
CA PHE A 390 10.52 -18.13 -2.11
C PHE A 390 11.51 -19.06 -2.81
N LYS A 391 12.57 -18.52 -3.43
CA LYS A 391 13.55 -19.37 -4.08
C LYS A 391 14.39 -20.10 -3.05
N ARG A 392 14.57 -21.40 -3.25
CA ARG A 392 15.34 -22.21 -2.32
C ARG A 392 16.81 -21.82 -2.35
N THR A 393 17.44 -21.88 -1.18
CA THR A 393 18.86 -21.57 -1.08
C THR A 393 19.69 -22.85 -1.13
N PRO A 394 20.96 -22.75 -1.54
CA PRO A 394 21.86 -23.90 -1.48
C PRO A 394 21.95 -24.44 -0.06
N PRO A 395 22.31 -25.72 0.10
CA PRO A 395 22.32 -26.31 1.45
C PRO A 395 23.21 -25.58 2.43
N GLY A 396 24.36 -25.08 2.00
CA GLY A 396 25.27 -24.37 2.87
C GLY A 396 25.03 -22.88 2.97
N VAL A 397 23.92 -22.37 2.45
CA VAL A 397 23.64 -20.95 2.40
C VAL A 397 22.43 -20.66 3.27
N ARG A 398 22.57 -19.66 4.15
CA ARG A 398 21.53 -19.24 5.07
C ARG A 398 20.78 -18.04 4.51
N LYS A 399 19.45 -18.15 4.42
CA LYS A 399 18.63 -17.06 3.93
C LYS A 399 18.15 -16.21 5.10
N ILE A 400 18.30 -14.89 4.96
CA ILE A 400 17.86 -13.94 5.98
C ILE A 400 16.97 -12.91 5.28
N VAL A 401 15.69 -12.90 5.64
CA VAL A 401 14.70 -12.01 5.04
C VAL A 401 14.39 -10.89 6.03
N ILE A 402 14.59 -9.65 5.60
CA ILE A 402 14.26 -8.48 6.39
C ILE A 402 13.05 -7.82 5.74
N ALA A 403 11.89 -7.92 6.39
CA ALA A 403 10.62 -7.57 5.77
C ALA A 403 9.82 -6.62 6.66
N THR A 404 8.87 -5.93 6.04
CA THR A 404 7.84 -5.20 6.76
C THR A 404 6.67 -6.15 7.01
N ASN A 405 5.50 -5.60 7.35
CA ASN A 405 4.32 -6.44 7.54
C ASN A 405 3.79 -7.00 6.22
N ILE A 406 4.46 -6.74 5.09
CA ILE A 406 4.08 -7.34 3.82
C ILE A 406 4.16 -8.85 3.89
N ALA A 407 5.04 -9.38 4.75
CA ALA A 407 5.31 -10.81 4.83
C ALA A 407 4.67 -11.47 6.05
N GLU A 408 3.80 -10.77 6.78
CA GLU A 408 3.33 -11.29 8.05
C GLU A 408 2.07 -12.13 7.94
N THR A 409 1.42 -12.17 6.77
CA THR A 409 0.22 -12.98 6.60
C THR A 409 0.31 -13.83 5.35
N SER A 410 -0.30 -15.02 5.42
CA SER A 410 -0.57 -15.91 4.29
C SER A 410 0.66 -16.62 3.76
N ILE A 411 1.71 -15.89 3.40
CA ILE A 411 2.79 -16.47 2.63
C ILE A 411 3.50 -17.57 3.42
N THR A 412 4.01 -18.57 2.70
CA THR A 412 4.79 -19.65 3.27
C THR A 412 6.19 -19.62 2.64
N ILE A 413 7.20 -19.34 3.45
CA ILE A 413 8.59 -19.42 3.03
C ILE A 413 9.13 -20.76 3.51
N ASP A 414 9.64 -21.56 2.57
CA ASP A 414 10.02 -22.94 2.87
C ASP A 414 10.94 -23.05 4.08
N ASP A 415 12.12 -22.44 3.97
CA ASP A 415 13.22 -22.69 4.91
C ASP A 415 13.14 -21.87 6.19
N VAL A 416 12.07 -21.10 6.40
CA VAL A 416 11.99 -20.26 7.58
C VAL A 416 11.82 -21.12 8.82
N VAL A 417 12.75 -20.97 9.76
CA VAL A 417 12.71 -21.70 11.02
C VAL A 417 12.67 -20.69 12.16
N TYR A 418 13.31 -19.55 11.95
CA TYR A 418 13.46 -18.52 12.96
C TYR A 418 12.76 -17.24 12.50
N VAL A 419 11.88 -16.72 13.35
CA VAL A 419 11.19 -15.45 13.11
C VAL A 419 11.62 -14.48 14.21
N ILE A 420 12.08 -13.30 13.81
CA ILE A 420 12.45 -12.25 14.74
C ILE A 420 11.43 -11.14 14.59
N ASP A 421 10.59 -10.97 15.63
CA ASP A 421 9.52 -9.98 15.62
C ASP A 421 10.00 -8.74 16.36
N GLY A 422 10.28 -7.67 15.61
CA GLY A 422 10.73 -6.43 16.22
C GLY A 422 9.70 -5.80 17.14
N GLY A 423 8.45 -6.24 17.06
CA GLY A 423 7.41 -5.79 17.95
C GLY A 423 6.71 -4.51 17.55
N LYS A 424 7.01 -3.97 16.38
CA LYS A 424 6.41 -2.71 15.95
C LYS A 424 5.97 -2.81 14.49
N ILE A 425 5.07 -1.92 14.12
CA ILE A 425 4.48 -1.92 12.79
C ILE A 425 4.08 -0.50 12.43
N LYS A 426 4.33 -0.11 11.18
CA LYS A 426 3.95 1.22 10.71
C LYS A 426 2.43 1.36 10.69
N GLU A 427 1.93 2.43 11.29
CA GLU A 427 0.50 2.69 11.30
C GLU A 427 0.23 4.16 11.01
N THR A 428 -0.72 4.41 10.11
CA THR A 428 -1.21 5.75 9.86
C THR A 428 -2.25 6.10 10.92
N HIS A 429 -2.22 7.35 11.38
CA HIS A 429 -3.18 7.82 12.37
C HIS A 429 -3.67 9.20 11.98
N PHE A 430 -4.95 9.46 12.24
CA PHE A 430 -5.64 10.65 11.76
C PHE A 430 -6.42 11.28 12.90
N ASP A 431 -6.26 12.59 13.07
CA ASP A 431 -6.97 13.34 14.09
C ASP A 431 -8.16 14.05 13.47
N THR A 432 -9.32 13.96 14.11
CA THR A 432 -10.51 14.59 13.57
C THR A 432 -10.50 16.10 13.78
N GLN A 433 -9.83 16.57 14.84
CA GLN A 433 -9.83 18.00 15.12
C GLN A 433 -9.05 18.78 14.08
N ASN A 434 -7.86 18.29 13.72
CA ASN A 434 -7.01 18.97 12.74
C ASN A 434 -6.66 18.00 11.61
N ASN A 435 -6.73 18.49 10.38
CA ASN A 435 -6.41 17.68 9.20
C ASN A 435 -4.92 17.36 9.13
N ILE A 436 -4.46 16.50 10.03
CA ILE A 436 -3.07 16.05 10.05
C ILE A 436 -3.03 14.54 10.22
N SER A 437 -2.37 13.85 9.30
CA SER A 437 -2.17 12.41 9.39
C SER A 437 -0.69 12.11 9.58
N THR A 438 -0.40 11.20 10.51
CA THR A 438 0.97 10.84 10.84
C THR A 438 1.19 9.35 10.65
N MET A 439 2.34 9.00 10.09
CA MET A 439 2.80 7.62 10.01
C MET A 439 3.87 7.42 11.07
N SER A 440 3.69 6.40 11.91
CA SER A 440 4.60 6.17 13.02
C SER A 440 4.70 4.68 13.30
N ALA A 441 5.78 4.30 13.99
CA ALA A 441 5.98 2.92 14.41
C ALA A 441 5.27 2.73 15.75
N GLU A 442 4.21 1.91 15.74
CA GLU A 442 3.42 1.65 16.94
C GLU A 442 3.68 0.23 17.43
N TRP A 443 3.35 -0.01 18.69
CA TRP A 443 3.47 -1.35 19.26
C TRP A 443 2.57 -2.31 18.50
N VAL A 444 3.09 -3.52 18.27
CA VAL A 444 2.34 -4.52 17.54
C VAL A 444 1.14 -4.96 18.37
N SER A 445 0.09 -5.41 17.67
CA SER A 445 -1.06 -5.99 18.37
C SER A 445 -0.85 -7.49 18.51
N LYS A 446 -1.67 -8.11 19.36
CA LYS A 446 -1.55 -9.55 19.57
C LYS A 446 -1.82 -10.34 18.29
N ALA A 447 -2.68 -9.81 17.41
CA ALA A 447 -2.99 -10.51 16.17
C ALA A 447 -1.79 -10.51 15.22
N ASN A 448 -1.17 -9.34 15.03
CA ASN A 448 0.00 -9.26 14.16
C ASN A 448 1.12 -10.14 14.69
N ALA A 449 1.29 -10.20 16.01
CA ALA A 449 2.33 -11.03 16.60
C ALA A 449 2.07 -12.51 16.32
N LYS A 450 0.81 -12.93 16.40
CA LYS A 450 0.48 -14.33 16.11
C LYS A 450 0.65 -14.65 14.63
N GLN A 451 0.45 -13.66 13.76
CA GLN A 451 0.64 -13.88 12.33
C GLN A 451 2.13 -13.93 11.98
N ARG A 452 2.95 -13.12 12.66
CA ARG A 452 4.39 -13.19 12.45
C ARG A 452 4.96 -14.49 12.99
N LYS A 453 4.52 -14.90 14.18
CA LYS A 453 4.87 -16.21 14.70
C LYS A 453 4.41 -17.32 13.76
N GLY A 454 3.27 -17.13 13.10
CA GLY A 454 2.74 -18.11 12.18
C GLY A 454 3.56 -18.32 10.92
N ARG A 455 4.46 -17.39 10.60
CA ARG A 455 5.30 -17.58 9.42
C ARG A 455 6.26 -18.75 9.59
N ALA A 456 6.53 -19.15 10.84
CA ALA A 456 7.24 -20.39 11.13
C ALA A 456 6.24 -21.46 11.55
N GLY A 457 6.75 -22.68 11.71
CA GLY A 457 5.88 -23.79 12.06
C GLY A 457 4.92 -24.21 10.97
N ARG A 458 5.24 -23.92 9.71
CA ARG A 458 4.41 -24.29 8.57
C ARG A 458 4.85 -25.61 7.94
N VAL A 459 6.13 -25.73 7.60
CA VAL A 459 6.66 -26.96 7.02
C VAL A 459 7.56 -27.71 7.98
N GLN A 460 7.87 -27.14 9.13
CA GLN A 460 8.78 -27.74 10.11
C GLN A 460 8.69 -26.90 11.39
N PRO A 461 9.12 -27.46 12.53
CA PRO A 461 9.11 -26.67 13.77
C PRO A 461 9.90 -25.38 13.63
N GLY A 462 9.60 -24.44 14.53
CA GLY A 462 10.21 -23.12 14.43
C GLY A 462 10.34 -22.43 15.77
N HIS A 463 10.90 -21.22 15.73
CA HIS A 463 11.11 -20.39 16.90
C HIS A 463 10.72 -18.96 16.53
N CYS A 464 10.11 -18.25 17.49
CA CYS A 464 9.72 -16.86 17.30
C CYS A 464 10.21 -16.04 18.49
N TYR A 465 10.93 -14.96 18.20
CA TYR A 465 11.49 -14.07 19.21
C TYR A 465 10.78 -12.72 19.10
N HIS A 466 10.10 -12.33 20.17
CA HIS A 466 9.37 -11.06 20.22
C HIS A 466 10.18 -10.05 21.03
N LEU A 467 10.49 -8.91 20.42
CA LEU A 467 11.32 -7.90 21.08
C LEU A 467 10.49 -6.97 21.96
N TYR A 468 9.64 -7.54 22.81
CA TYR A 468 8.97 -6.80 23.86
C TYR A 468 8.92 -7.66 25.11
N ASN A 469 8.95 -7.01 26.27
CA ASN A 469 9.00 -7.74 27.53
C ASN A 469 7.60 -8.22 27.91
N SER A 470 7.52 -8.95 29.02
CA SER A 470 6.26 -9.56 29.43
C SER A 470 5.24 -8.51 29.86
N LEU A 471 5.71 -7.44 30.53
CA LEU A 471 4.81 -6.36 30.90
C LEU A 471 4.24 -5.68 29.66
N ARG A 472 5.04 -5.57 28.60
CA ARG A 472 4.54 -5.02 27.35
C ARG A 472 3.48 -5.94 26.74
N ALA A 473 3.69 -7.24 26.81
CA ALA A 473 2.77 -8.20 26.21
C ALA A 473 1.39 -8.12 26.85
N SER A 474 1.34 -7.91 28.17
CA SER A 474 0.06 -7.83 28.86
C SER A 474 -0.72 -6.58 28.53
N LEU A 475 -0.09 -5.59 27.88
CA LEU A 475 -0.74 -4.33 27.56
C LEU A 475 -0.91 -4.12 26.06
N LEU A 476 -0.66 -5.14 25.24
CA LEU A 476 -0.91 -5.04 23.81
C LEU A 476 -2.39 -5.29 23.51
N ASP A 477 -2.88 -4.61 22.49
CA ASP A 477 -4.26 -4.80 22.07
C ASP A 477 -4.41 -6.11 21.31
N ASP A 478 -5.64 -6.64 21.30
CA ASP A 478 -5.90 -7.90 20.59
C ASP A 478 -5.76 -7.72 19.08
N TYR A 479 -6.22 -6.59 18.55
CA TYR A 479 -6.20 -6.36 17.11
C TYR A 479 -5.85 -4.90 16.84
N GLN A 480 -5.36 -4.65 15.64
CA GLN A 480 -5.17 -3.29 15.18
C GLN A 480 -6.54 -2.61 15.02
N LEU A 481 -6.54 -1.30 15.19
CA LEU A 481 -7.71 -0.52 14.79
C LEU A 481 -7.89 -0.68 13.28
N PRO A 482 -9.11 -0.96 12.81
CA PRO A 482 -9.34 -1.00 11.36
C PRO A 482 -8.93 0.31 10.72
N GLU A 483 -8.27 0.20 9.56
CA GLU A 483 -7.71 1.38 8.91
C GLU A 483 -8.75 2.45 8.65
N ILE A 484 -10.01 2.05 8.45
CA ILE A 484 -11.08 3.00 8.18
C ILE A 484 -11.38 3.90 9.37
N LEU A 485 -10.89 3.55 10.56
CA LEU A 485 -11.12 4.34 11.76
C LEU A 485 -9.96 5.24 12.13
N ARG A 486 -8.90 5.29 11.31
CA ARG A 486 -7.71 6.04 11.69
C ARG A 486 -6.97 6.65 10.51
N THR A 487 -7.61 6.83 9.36
CA THR A 487 -6.96 7.36 8.17
C THR A 487 -7.89 8.35 7.51
N PRO A 488 -7.36 9.24 6.67
CA PRO A 488 -8.23 10.10 5.87
C PRO A 488 -9.07 9.26 4.93
N LEU A 489 -10.34 9.65 4.76
CA LEU A 489 -11.34 8.82 4.11
C LEU A 489 -11.66 9.26 2.69
N GLU A 490 -10.74 9.98 2.03
CA GLU A 490 -10.99 10.40 0.65
C GLU A 490 -11.06 9.21 -0.29
N GLU A 491 -10.16 8.24 -0.11
CA GLU A 491 -10.23 7.03 -0.92
C GLU A 491 -11.49 6.23 -0.60
N LEU A 492 -11.92 6.22 0.66
CA LEU A 492 -13.14 5.54 1.03
C LEU A 492 -14.34 6.11 0.29
N CYS A 493 -14.48 7.44 0.29
CA CYS A 493 -15.63 8.07 -0.35
C CYS A 493 -15.60 7.85 -1.86
N LEU A 494 -14.42 7.95 -2.48
CA LEU A 494 -14.31 7.69 -3.91
C LEU A 494 -14.67 6.25 -4.24
N GLN A 495 -14.36 5.31 -3.34
CA GLN A 495 -14.69 3.91 -3.58
C GLN A 495 -16.19 3.68 -3.51
N ILE A 496 -16.86 4.32 -2.55
CA ILE A 496 -18.31 4.18 -2.44
C ILE A 496 -19.00 4.78 -3.68
N LYS A 497 -18.49 5.91 -4.16
CA LYS A 497 -19.14 6.61 -5.27
C LYS A 497 -18.95 5.88 -6.60
N ILE A 498 -17.80 5.21 -6.78
CA ILE A 498 -17.54 4.57 -8.07
C ILE A 498 -18.38 3.31 -8.23
N LEU A 499 -18.81 2.70 -7.13
CA LEU A 499 -19.60 1.49 -7.18
C LEU A 499 -21.10 1.74 -7.21
N ARG A 500 -21.52 3.01 -7.11
CA ARG A 500 -22.93 3.39 -7.20
C ARG A 500 -23.77 2.65 -6.14
N LEU A 501 -23.23 2.60 -4.92
CA LEU A 501 -23.87 1.89 -3.83
C LEU A 501 -24.86 2.75 -3.07
N GLY A 502 -25.42 3.76 -3.73
CA GLY A 502 -26.35 4.65 -3.06
C GLY A 502 -25.66 5.73 -2.24
N GLY A 503 -26.42 6.31 -1.32
CA GLY A 503 -25.87 7.38 -0.51
C GLY A 503 -24.75 6.89 0.39
N ILE A 504 -23.79 7.80 0.65
CA ILE A 504 -22.67 7.47 1.53
C ILE A 504 -23.17 7.19 2.94
N ALA A 505 -24.17 7.96 3.40
CA ALA A 505 -24.69 7.78 4.75
C ALA A 505 -25.21 6.35 4.95
N HIS A 506 -25.94 5.83 3.97
CA HIS A 506 -26.47 4.48 4.09
C HIS A 506 -25.37 3.43 4.12
N PHE A 507 -24.33 3.61 3.28
CA PHE A 507 -23.27 2.62 3.22
C PHE A 507 -22.44 2.63 4.49
N LEU A 508 -22.21 3.81 5.08
CA LEU A 508 -21.49 3.88 6.34
C LEU A 508 -22.18 3.08 7.43
N SER A 509 -23.51 3.15 7.49
CA SER A 509 -24.27 2.41 8.49
C SER A 509 -24.18 0.90 8.29
N ARG A 510 -23.82 0.44 7.09
CA ARG A 510 -23.70 -0.99 6.83
C ARG A 510 -22.29 -1.53 7.05
N LEU A 511 -21.29 -0.66 7.19
CA LEU A 511 -19.94 -1.11 7.49
C LEU A 511 -19.90 -1.78 8.86
N MET A 512 -18.96 -2.73 9.01
CA MET A 512 -18.78 -3.39 10.30
C MET A 512 -18.34 -2.39 11.37
N ASP A 513 -17.37 -1.54 11.03
CA ASP A 513 -16.89 -0.48 11.92
C ASP A 513 -17.00 0.84 11.17
N PRO A 514 -18.12 1.54 11.31
CA PRO A 514 -18.32 2.79 10.56
C PRO A 514 -17.46 3.91 11.14
N PRO A 515 -16.89 4.75 10.28
CA PRO A 515 -16.16 5.91 10.78
C PRO A 515 -17.12 7.01 11.21
N SER A 516 -16.57 8.02 11.86
CA SER A 516 -17.38 9.15 12.30
C SER A 516 -17.86 9.96 11.10
N ASN A 517 -19.05 10.55 11.24
CA ASN A 517 -19.58 11.40 10.19
C ASN A 517 -18.72 12.62 9.94
N GLU A 518 -18.09 13.14 11.01
CA GLU A 518 -17.25 14.32 10.85
C GLU A 518 -16.02 14.02 10.01
N ALA A 519 -15.47 12.81 10.13
CA ALA A 519 -14.32 12.44 9.31
C ALA A 519 -14.72 12.22 7.86
N VAL A 520 -15.93 11.72 7.60
CA VAL A 520 -16.39 11.53 6.24
C VAL A 520 -16.70 12.86 5.58
N LEU A 521 -17.30 13.79 6.33
CA LEU A 521 -17.60 15.11 5.78
C LEU A 521 -16.33 15.87 5.42
N LEU A 522 -15.29 15.74 6.24
CA LEU A 522 -14.01 16.35 5.90
C LEU A 522 -13.47 15.80 4.59
N SER A 523 -13.66 14.50 4.34
CA SER A 523 -13.24 13.92 3.07
C SER A 523 -14.07 14.46 1.92
N ILE A 524 -15.38 14.61 2.13
CA ILE A 524 -16.24 15.18 1.09
C ILE A 524 -15.79 16.59 0.75
N LYS A 525 -15.45 17.39 1.76
CA LYS A 525 -14.97 18.74 1.53
C LYS A 525 -13.68 18.72 0.72
N HIS A 526 -12.75 17.83 1.07
CA HIS A 526 -11.48 17.74 0.34
C HIS A 526 -11.70 17.30 -1.10
N LEU A 527 -12.61 16.34 -1.31
CA LEU A 527 -12.87 15.85 -2.67
C LEU A 527 -13.52 16.93 -3.53
N MET A 528 -14.31 17.81 -2.92
CA MET A 528 -14.89 18.92 -3.67
C MET A 528 -13.81 19.94 -4.06
N GLU A 529 -12.90 20.24 -3.13
CA GLU A 529 -11.81 21.17 -3.44
C GLU A 529 -10.87 20.59 -4.49
N LEU A 530 -10.73 19.28 -4.54
CA LEU A 530 -9.99 18.61 -5.61
C LEU A 530 -10.78 18.51 -6.90
N ASN A 531 -12.03 18.96 -6.90
CA ASN A 531 -12.94 18.84 -8.04
C ASN A 531 -13.11 17.39 -8.47
N ALA A 532 -13.03 16.46 -7.51
CA ALA A 532 -13.41 15.08 -7.77
C ALA A 532 -14.92 14.88 -7.60
N LEU A 533 -15.54 15.71 -6.77
CA LEU A 533 -16.99 15.74 -6.62
C LEU A 533 -17.49 17.14 -6.93
N ASP A 534 -18.67 17.23 -7.53
CA ASP A 534 -19.27 18.53 -7.82
C ASP A 534 -19.96 19.04 -6.55
N LYS A 535 -20.74 20.12 -6.70
CA LYS A 535 -21.44 20.68 -5.55
C LYS A 535 -22.51 19.76 -5.01
N GLN A 536 -23.05 18.88 -5.86
CA GLN A 536 -24.11 17.96 -5.48
C GLN A 536 -23.57 16.62 -4.95
N GLU A 537 -22.33 16.59 -4.50
CA GLU A 537 -21.67 15.37 -4.00
C GLU A 537 -21.70 14.24 -5.02
N GLU A 538 -21.57 14.58 -6.31
CA GLU A 538 -21.60 13.59 -7.38
C GLU A 538 -20.26 13.57 -8.09
N LEU A 539 -19.84 12.38 -8.53
CA LEU A 539 -18.54 12.23 -9.17
C LEU A 539 -18.46 13.04 -10.45
N THR A 540 -17.41 13.86 -10.56
CA THR A 540 -17.06 14.50 -11.81
C THR A 540 -16.36 13.48 -12.71
N PRO A 541 -16.15 13.80 -13.99
CA PRO A 541 -15.32 12.90 -14.82
C PRO A 541 -13.94 12.67 -14.25
N LEU A 542 -13.31 13.72 -13.71
CA LEU A 542 -12.01 13.56 -13.07
C LEU A 542 -12.09 12.62 -11.87
N GLY A 543 -13.15 12.76 -11.06
CA GLY A 543 -13.29 11.90 -9.90
C GLY A 543 -13.43 10.43 -10.24
N VAL A 544 -14.01 10.13 -11.40
CA VAL A 544 -14.12 8.74 -11.84
C VAL A 544 -12.73 8.15 -12.08
N HIS A 545 -11.86 8.91 -12.76
CA HIS A 545 -10.51 8.43 -13.03
C HIS A 545 -9.68 8.37 -11.76
N LEU A 546 -9.89 9.31 -10.83
CA LEU A 546 -9.18 9.24 -9.55
C LEU A 546 -9.61 8.04 -8.74
N ALA A 547 -10.88 7.66 -8.81
CA ALA A 547 -11.33 6.47 -8.09
C ALA A 547 -10.71 5.20 -8.65
N ARG A 548 -10.34 5.22 -9.93
CA ARG A 548 -9.68 4.08 -10.55
C ARG A 548 -8.19 3.99 -10.22
N LEU A 549 -7.61 5.05 -9.66
CA LEU A 549 -6.20 5.04 -9.29
C LEU A 549 -6.07 4.64 -7.83
N PRO A 550 -5.33 3.56 -7.51
CA PRO A 550 -5.24 3.04 -6.13
C PRO A 550 -4.28 3.83 -5.23
N VAL A 551 -4.38 5.16 -5.27
CA VAL A 551 -3.62 6.05 -4.41
C VAL A 551 -4.54 7.15 -3.91
N GLU A 552 -4.02 7.97 -3.01
CA GLU A 552 -4.78 9.11 -2.53
C GLU A 552 -5.04 10.09 -3.67
N PRO A 553 -6.21 10.74 -3.71
CA PRO A 553 -6.57 11.55 -4.89
C PRO A 553 -5.62 12.70 -5.16
N HIS A 554 -4.96 13.24 -4.13
CA HIS A 554 -3.97 14.29 -4.36
C HIS A 554 -2.83 13.77 -5.23
N ILE A 555 -2.31 12.57 -4.91
CA ILE A 555 -1.29 11.96 -5.75
C ILE A 555 -1.88 11.51 -7.07
N GLY A 556 -3.10 10.95 -7.04
CA GLY A 556 -3.72 10.50 -8.26
C GLY A 556 -3.96 11.63 -9.25
N LYS A 557 -4.39 12.78 -8.76
CA LYS A 557 -4.61 13.93 -9.64
C LYS A 557 -3.30 14.44 -10.23
N MET A 558 -2.20 14.35 -9.47
CA MET A 558 -0.92 14.84 -9.97
C MET A 558 -0.37 13.93 -11.05
N ILE A 559 -0.40 12.62 -10.82
CA ILE A 559 0.14 11.71 -11.82
C ILE A 559 -0.77 11.62 -13.03
N LEU A 560 -2.06 11.90 -12.86
CA LEU A 560 -2.98 11.85 -14.00
C LEU A 560 -2.69 12.96 -14.99
N PHE A 561 -2.52 14.19 -14.49
CA PHE A 561 -2.23 15.32 -15.37
C PHE A 561 -0.80 15.30 -15.89
N GLY A 562 0.10 14.59 -15.22
CA GLY A 562 1.42 14.39 -15.78
C GLY A 562 1.38 13.54 -17.04
N ALA A 563 0.51 12.54 -17.07
CA ALA A 563 0.33 11.75 -18.29
C ALA A 563 -0.44 12.54 -19.34
N LEU A 564 -1.41 13.37 -18.92
CA LEU A 564 -2.20 14.13 -19.87
C LEU A 564 -1.37 15.23 -20.53
N PHE A 565 -0.42 15.81 -19.80
CA PHE A 565 0.38 16.91 -20.30
C PHE A 565 1.76 16.49 -20.77
N CYS A 566 2.03 15.18 -20.78
CA CYS A 566 3.28 14.62 -21.32
C CYS A 566 4.52 15.16 -20.59
N CYS A 567 4.45 15.15 -19.27
CA CYS A 567 5.60 15.43 -18.40
C CYS A 567 5.67 14.37 -17.30
N LEU A 568 5.60 13.10 -17.73
CA LEU A 568 5.37 12.01 -16.78
C LEU A 568 6.56 11.81 -15.85
N ASP A 569 7.76 11.65 -16.40
CA ASP A 569 8.92 11.28 -15.58
C ASP A 569 9.20 12.27 -14.47
N PRO A 570 9.27 13.59 -14.71
CA PRO A 570 9.48 14.51 -13.57
C PRO A 570 8.33 14.52 -12.58
N VAL A 571 7.09 14.33 -13.06
CA VAL A 571 5.94 14.35 -12.16
C VAL A 571 5.89 13.07 -11.32
N LEU A 572 6.18 11.92 -11.93
CA LEU A 572 6.21 10.68 -11.16
C LEU A 572 7.29 10.73 -10.09
N THR A 573 8.42 11.39 -10.39
CA THR A 573 9.47 11.57 -9.39
C THR A 573 8.97 12.43 -8.23
N ILE A 574 8.29 13.53 -8.55
CA ILE A 574 7.74 14.40 -7.51
C ILE A 574 6.70 13.64 -6.69
N ALA A 575 5.77 12.97 -7.37
CA ALA A 575 4.74 12.21 -6.66
C ALA A 575 5.35 11.10 -5.81
N ALA A 576 6.41 10.45 -6.32
CA ALA A 576 7.05 9.38 -5.57
C ALA A 576 7.72 9.91 -4.30
N SER A 577 8.17 11.17 -4.30
CA SER A 577 8.81 11.75 -3.13
C SER A 577 7.79 12.37 -2.18
N LEU A 578 6.63 12.78 -2.67
CA LEU A 578 5.58 13.26 -1.78
C LEU A 578 5.03 12.12 -0.93
N SER A 579 4.66 11.02 -1.59
CA SER A 579 4.55 9.76 -0.87
C SER A 579 5.94 9.34 -0.42
N PHE A 580 5.98 8.40 0.52
CA PHE A 580 7.24 7.89 1.08
C PHE A 580 8.00 9.08 1.67
N LYS A 581 9.16 9.46 1.13
CA LYS A 581 9.90 10.59 1.68
C LYS A 581 10.80 11.17 0.60
N ASP A 582 11.39 12.34 0.90
CA ASP A 582 12.36 12.98 0.02
C ASP A 582 13.73 12.36 0.22
N PRO A 583 14.58 12.38 -0.82
CA PRO A 583 15.88 11.68 -0.73
C PRO A 583 16.95 12.43 0.05
N PHE A 584 16.71 13.67 0.47
CA PHE A 584 17.74 14.45 1.12
C PHE A 584 17.87 14.08 2.60
N VAL A 585 19.12 13.99 3.06
CA VAL A 585 19.43 13.71 4.46
C VAL A 585 20.33 14.81 4.99
N ILE A 586 20.25 15.04 6.30
CA ILE A 586 21.01 16.12 6.93
C ILE A 586 21.77 15.58 8.13
N PRO A 587 23.07 15.28 7.99
CA PRO A 587 23.86 14.85 9.14
C PRO A 587 24.05 15.98 10.14
N LEU A 588 24.36 15.60 11.37
CA LEU A 588 24.54 16.58 12.44
C LEU A 588 25.77 17.44 12.17
N GLY A 589 25.62 18.75 12.42
CA GLY A 589 26.68 19.70 12.17
C GLY A 589 26.98 19.98 10.71
N LYS A 590 26.36 19.24 9.78
CA LYS A 590 26.54 19.47 8.35
C LYS A 590 25.35 20.20 7.74
N GLU A 591 24.65 21.02 8.52
CA GLU A 591 23.46 21.69 8.02
C GLU A 591 23.81 22.80 7.04
N LYS A 592 24.94 23.48 7.26
CA LYS A 592 25.35 24.57 6.38
C LYS A 592 25.71 24.04 4.98
N VAL A 593 26.52 22.98 4.93
CA VAL A 593 26.94 22.44 3.64
C VAL A 593 25.77 21.76 2.93
N ALA A 594 24.91 21.08 3.68
CA ALA A 594 23.78 20.39 3.06
C ALA A 594 22.79 21.37 2.45
N ASP A 595 22.55 22.51 3.13
CA ASP A 595 21.68 23.54 2.56
C ASP A 595 22.27 24.10 1.27
N ALA A 596 23.59 24.31 1.23
CA ALA A 596 24.23 24.84 0.03
C ALA A 596 24.13 23.86 -1.14
N ARG A 597 24.13 22.56 -0.84
CA ARG A 597 23.96 21.57 -1.91
C ARG A 597 22.55 21.60 -2.47
N ARG A 598 21.55 21.72 -1.60
CA ARG A 598 20.16 21.73 -2.04
C ARG A 598 19.87 22.96 -2.89
N LYS A 599 20.30 24.14 -2.44
CA LYS A 599 20.14 25.36 -3.23
C LYS A 599 20.88 25.27 -4.54
N GLU A 600 21.97 24.50 -4.59
CA GLU A 600 22.67 24.28 -5.85
C GLU A 600 21.82 23.44 -6.81
N LEU A 601 21.22 22.36 -6.31
CA LEU A 601 20.40 21.50 -7.16
C LEU A 601 19.12 22.18 -7.60
N ALA A 602 18.65 23.17 -6.83
CA ALA A 602 17.40 23.85 -7.17
C ALA A 602 17.56 24.80 -8.36
N LYS A 603 18.78 25.23 -8.66
CA LYS A 603 19.04 26.23 -9.69
C LYS A 603 18.22 27.48 -9.41
N ASP A 604 17.40 27.90 -10.37
CA ASP A 604 16.54 29.07 -10.22
C ASP A 604 15.06 28.69 -10.22
N THR A 605 14.74 27.45 -9.87
CA THR A 605 13.35 26.99 -9.94
C THR A 605 12.51 27.50 -8.77
N LYS A 606 13.14 27.78 -7.62
CA LYS A 606 12.40 28.14 -6.40
C LYS A 606 11.39 27.06 -6.06
N SER A 607 11.81 25.81 -6.21
CA SER A 607 10.90 24.66 -6.13
C SER A 607 11.58 23.54 -5.37
N ASP A 608 11.03 23.20 -4.19
CA ASP A 608 11.52 22.04 -3.46
C ASP A 608 11.29 20.75 -4.25
N HIS A 609 10.24 20.70 -5.07
CA HIS A 609 9.90 19.49 -5.79
C HIS A 609 10.70 19.34 -7.08
N LEU A 610 11.00 20.46 -7.76
CA LEU A 610 11.92 20.39 -8.88
C LEU A 610 13.35 20.16 -8.44
N THR A 611 13.67 20.49 -7.17
CA THR A 611 14.98 20.12 -6.63
C THR A 611 15.12 18.61 -6.54
N VAL A 612 14.07 17.92 -6.09
CA VAL A 612 14.09 16.47 -6.05
C VAL A 612 14.25 15.88 -7.45
N VAL A 613 13.62 16.51 -8.44
CA VAL A 613 13.76 16.04 -9.82
C VAL A 613 15.21 16.16 -10.28
N ASN A 614 15.83 17.31 -10.06
CA ASN A 614 17.21 17.50 -10.45
C ASN A 614 18.15 16.58 -9.65
N ALA A 615 17.86 16.38 -8.37
CA ALA A 615 18.65 15.44 -7.59
C ALA A 615 18.45 14.01 -8.06
N PHE A 616 17.23 13.67 -8.50
CA PHE A 616 16.98 12.34 -9.02
C PHE A 616 17.63 12.14 -10.38
N LYS A 617 17.51 13.13 -11.27
CA LYS A 617 18.12 13.00 -12.60
C LYS A 617 19.63 12.93 -12.48
N GLY A 618 20.24 13.78 -11.66
CA GLY A 618 21.67 13.71 -11.44
C GLY A 618 22.11 12.37 -10.86
N TRP A 619 21.23 11.73 -10.10
CA TRP A 619 21.55 10.40 -9.56
C TRP A 619 21.54 9.35 -10.67
N GLU A 620 20.55 9.40 -11.56
CA GLU A 620 20.50 8.46 -12.67
C GLU A 620 21.70 8.65 -13.60
N LYS A 621 22.11 9.90 -13.83
CA LYS A 621 23.28 10.15 -14.66
C LYS A 621 24.55 9.63 -14.00
N ALA A 622 24.62 9.66 -12.66
CA ALA A 622 25.77 9.11 -11.97
C ALA A 622 25.80 7.59 -12.00
N LYS A 623 24.62 6.96 -12.02
CA LYS A 623 24.57 5.51 -12.15
C LYS A 623 25.10 5.06 -13.50
N GLN A 624 24.81 5.82 -14.56
CA GLN A 624 25.35 5.49 -15.87
C GLN A 624 26.87 5.63 -15.91
N ARG A 625 27.42 6.47 -15.03
CA ARG A 625 28.87 6.63 -14.97
C ARG A 625 29.52 5.41 -14.33
N GLY A 626 29.01 4.98 -13.18
CA GLY A 626 29.58 3.84 -12.49
C GLY A 626 29.05 3.76 -11.08
N PHE A 627 29.39 2.65 -10.42
CA PHE A 627 28.91 2.42 -9.06
C PHE A 627 29.65 3.30 -8.05
N ARG A 628 30.97 3.45 -8.23
CA ARG A 628 31.74 4.28 -7.31
C ARG A 628 31.39 5.75 -7.46
N TYR A 629 31.17 6.21 -8.69
CA TYR A 629 30.84 7.60 -8.94
C TYR A 629 29.39 7.91 -8.57
N GLU A 630 28.52 6.90 -8.51
CA GLU A 630 27.18 7.10 -7.98
C GLU A 630 27.21 7.37 -6.49
N LYS A 631 28.08 6.65 -5.75
CA LYS A 631 28.20 6.87 -4.32
C LYS A 631 28.82 8.23 -4.03
N ASP A 632 29.78 8.66 -4.85
CA ASP A 632 30.35 9.99 -4.70
C ASP A 632 29.30 11.08 -4.90
N TYR A 633 28.33 10.85 -5.80
CA TYR A 633 27.29 11.84 -6.03
C TYR A 633 26.34 11.93 -4.84
N CYS A 634 25.94 10.79 -4.29
CA CYS A 634 25.02 10.80 -3.15
C CYS A 634 25.68 11.40 -1.91
N TRP A 635 26.97 11.11 -1.69
CA TRP A 635 27.67 11.70 -0.56
C TRP A 635 27.91 13.19 -0.76
N GLU A 636 28.15 13.61 -1.99
CA GLU A 636 28.45 15.01 -2.26
C GLU A 636 27.24 15.89 -2.02
N TYR A 637 26.04 15.41 -2.38
CA TYR A 637 24.81 16.18 -2.25
C TYR A 637 23.93 15.69 -1.10
N PHE A 638 24.44 14.80 -0.26
CA PHE A 638 23.72 14.32 0.93
C PHE A 638 22.41 13.65 0.53
N LEU A 639 22.49 12.77 -0.46
CA LEU A 639 21.34 12.04 -0.98
C LEU A 639 21.42 10.58 -0.55
N SER A 640 20.26 10.00 -0.28
CA SER A 640 20.17 8.61 0.15
C SER A 640 19.95 7.73 -1.08
N SER A 641 20.94 6.88 -1.41
CA SER A 641 20.79 5.98 -2.54
C SER A 641 19.68 4.96 -2.31
N ASN A 642 19.44 4.60 -1.04
CA ASN A 642 18.34 3.69 -0.73
C ASN A 642 17.00 4.34 -1.01
N THR A 643 16.80 5.57 -0.54
CA THR A 643 15.56 6.28 -0.81
C THR A 643 15.37 6.53 -2.30
N LEU A 644 16.43 6.97 -2.98
CA LEU A 644 16.35 7.20 -4.42
C LEU A 644 15.96 5.94 -5.17
N GLN A 645 16.54 4.80 -4.80
CA GLN A 645 16.16 3.54 -5.44
C GLN A 645 14.71 3.19 -5.16
N MET A 646 14.22 3.56 -3.98
CA MET A 646 12.81 3.29 -3.65
C MET A 646 11.89 4.22 -4.41
N LEU A 647 12.31 5.47 -4.63
CA LEU A 647 11.54 6.38 -5.48
C LEU A 647 11.46 5.86 -6.90
N HIS A 648 12.55 5.26 -7.40
CA HIS A 648 12.54 4.70 -8.74
C HIS A 648 11.55 3.55 -8.85
N ASN A 649 11.41 2.75 -7.80
CA ASN A 649 10.42 1.68 -7.81
C ASN A 649 9.01 2.24 -7.77
N MET A 650 8.80 3.30 -7.00
CA MET A 650 7.47 3.91 -6.94
C MET A 650 7.07 4.50 -8.28
N LYS A 651 8.04 5.05 -9.02
CA LYS A 651 7.73 5.61 -10.34
C LYS A 651 7.20 4.54 -11.28
N GLY A 652 7.77 3.33 -11.23
CA GLY A 652 7.25 2.25 -12.05
C GLY A 652 5.86 1.81 -11.63
N GLN A 653 5.60 1.83 -10.31
CA GLN A 653 4.27 1.47 -9.83
C GLN A 653 3.23 2.51 -10.23
N PHE A 654 3.60 3.78 -10.21
CA PHE A 654 2.69 4.83 -10.66
C PHE A 654 2.40 4.70 -12.15
N ALA A 655 3.42 4.37 -12.95
CA ALA A 655 3.22 4.20 -14.38
C ALA A 655 2.32 3.01 -14.69
N GLU A 656 2.41 1.96 -13.87
CA GLU A 656 1.51 0.81 -14.04
C GLU A 656 0.07 1.19 -13.75
N HIS A 657 -0.15 2.01 -12.71
CA HIS A 657 -1.50 2.47 -12.40
C HIS A 657 -2.09 3.27 -13.56
N LEU A 658 -1.29 4.15 -14.16
CA LEU A 658 -1.77 4.91 -15.31
C LEU A 658 -1.92 4.04 -16.54
N LEU A 659 -1.15 2.95 -16.63
CA LEU A 659 -1.28 2.02 -17.75
C LEU A 659 -2.62 1.30 -17.70
N GLY A 660 -2.98 0.77 -16.54
CA GLY A 660 -4.28 0.14 -16.38
C GLY A 660 -5.42 1.13 -16.50
N ALA A 661 -5.19 2.37 -16.10
CA ALA A 661 -6.21 3.41 -16.27
C ALA A 661 -6.31 3.94 -17.69
N GLY A 662 -5.37 3.57 -18.56
CA GLY A 662 -5.42 3.94 -19.95
C GLY A 662 -4.86 5.30 -20.29
N PHE A 663 -4.12 5.93 -19.39
CA PHE A 663 -3.58 7.26 -19.63
C PHE A 663 -2.16 7.26 -20.18
N VAL A 664 -1.45 6.14 -20.08
CA VAL A 664 -0.15 5.97 -20.71
C VAL A 664 -0.19 4.69 -21.54
N SER A 665 0.84 4.51 -22.37
CA SER A 665 0.90 3.39 -23.29
C SER A 665 1.90 2.31 -22.88
N SER A 666 2.70 2.55 -21.84
CA SER A 666 3.66 1.56 -21.39
C SER A 666 3.96 1.78 -19.91
N ARG A 667 4.57 0.77 -19.29
CA ARG A 667 4.95 0.82 -17.90
C ARG A 667 6.19 1.69 -17.66
N ASN A 668 6.85 2.15 -18.71
CA ASN A 668 8.09 2.92 -18.55
C ASN A 668 7.76 4.36 -18.21
N PRO A 669 8.19 4.87 -17.05
CA PRO A 669 7.94 6.29 -16.73
C PRO A 669 8.66 7.25 -17.66
N GLN A 670 9.66 6.79 -18.41
CA GLN A 670 10.42 7.64 -19.32
C GLN A 670 10.10 7.35 -20.78
N ASP A 671 8.95 6.72 -21.05
CA ASP A 671 8.52 6.48 -22.41
C ASP A 671 8.40 7.81 -23.15
N PRO A 672 8.99 7.94 -24.34
CA PRO A 672 8.95 9.23 -25.06
C PRO A 672 7.53 9.67 -25.42
N GLU A 673 6.55 8.76 -25.42
CA GLU A 673 5.18 9.15 -25.73
C GLU A 673 4.63 10.10 -24.66
N SER A 674 5.02 9.90 -23.40
CA SER A 674 4.47 10.65 -22.28
C SER A 674 5.44 11.70 -21.74
N ASN A 675 6.45 12.08 -22.52
CA ASN A 675 7.51 12.96 -22.02
C ASN A 675 7.88 14.04 -23.03
N ILE A 676 6.94 14.43 -23.89
CA ILE A 676 7.21 15.49 -24.85
C ILE A 676 7.44 16.82 -24.12
N ASN A 677 6.72 17.03 -23.01
CA ASN A 677 6.81 18.28 -22.26
C ASN A 677 7.57 18.12 -20.94
N SER A 678 8.43 17.09 -20.84
CA SER A 678 9.08 16.79 -19.56
C SER A 678 10.20 17.76 -19.20
N ASP A 679 10.65 18.59 -20.13
CA ASP A 679 11.69 19.57 -19.83
C ASP A 679 11.15 20.99 -19.81
N ASN A 680 9.84 21.16 -19.64
CA ASN A 680 9.20 22.46 -19.53
C ASN A 680 8.85 22.69 -18.06
N GLU A 681 9.55 23.64 -17.43
CA GLU A 681 9.35 23.90 -16.01
C GLU A 681 7.92 24.35 -15.70
N LYS A 682 7.35 25.19 -16.58
CA LYS A 682 6.03 25.76 -16.30
C LYS A 682 4.95 24.69 -16.31
N ILE A 683 4.99 23.78 -17.30
CA ILE A 683 3.98 22.73 -17.37
C ILE A 683 4.10 21.80 -16.17
N ILE A 684 5.32 21.46 -15.77
CA ILE A 684 5.52 20.62 -14.59
C ILE A 684 4.94 21.29 -13.35
N LYS A 685 5.27 22.57 -13.14
CA LYS A 685 4.78 23.29 -11.97
C LYS A 685 3.27 23.38 -11.96
N ALA A 686 2.64 23.46 -13.13
CA ALA A 686 1.18 23.44 -13.18
C ALA A 686 0.63 22.08 -12.76
N VAL A 687 1.28 21.00 -13.19
CA VAL A 687 0.84 19.66 -12.80
C VAL A 687 1.02 19.46 -11.30
N ILE A 688 2.11 20.00 -10.73
CA ILE A 688 2.26 20.01 -9.28
C ILE A 688 1.09 20.75 -8.64
N CYS A 689 0.79 21.95 -9.15
CA CYS A 689 -0.33 22.72 -8.62
C CYS A 689 -1.64 21.97 -8.79
N ALA A 690 -1.79 21.24 -9.90
CA ALA A 690 -3.00 20.45 -10.10
C ALA A 690 -3.20 19.43 -8.98
N GLY A 691 -2.11 18.88 -8.45
CA GLY A 691 -2.22 17.89 -7.41
C GLY A 691 -2.18 18.47 -6.01
N LEU A 692 -1.58 19.65 -5.85
CA LEU A 692 -1.40 20.21 -4.51
C LEU A 692 -2.56 21.10 -4.06
N TYR A 693 -3.28 21.72 -5.00
CA TYR A 693 -4.42 22.56 -4.64
C TYR A 693 -5.41 21.73 -3.84
N PRO A 694 -5.98 22.30 -2.76
CA PRO A 694 -5.93 23.71 -2.33
C PRO A 694 -4.84 24.08 -1.31
N LYS A 695 -3.76 23.31 -1.23
CA LYS A 695 -2.68 23.64 -0.30
C LYS A 695 -1.84 24.76 -0.91
N VAL A 696 -2.34 25.98 -0.77
CA VAL A 696 -1.76 27.17 -1.39
C VAL A 696 -1.33 28.13 -0.28
N ALA A 697 -0.22 28.82 -0.52
CA ALA A 697 0.31 29.81 0.43
C ALA A 697 0.52 31.14 -0.28
N LYS A 698 0.21 32.23 0.41
CA LYS A 698 0.36 33.57 -0.13
C LYS A 698 1.60 34.23 0.47
N ILE A 699 2.36 34.92 -0.37
CA ILE A 699 3.60 35.57 0.02
C ILE A 699 3.36 37.06 0.21
N ARG A 700 3.91 37.62 1.29
CA ARG A 700 3.87 39.05 1.54
C ARG A 700 5.29 39.57 1.71
N LEU A 701 5.65 40.59 0.95
CA LEU A 701 6.97 41.21 1.01
C LEU A 701 6.83 42.64 1.51
N ASN A 702 7.79 43.07 2.32
CA ASN A 702 7.83 44.43 2.85
C ASN A 702 9.19 45.03 2.56
N LEU A 703 9.20 46.19 1.90
CA LEU A 703 10.45 46.86 1.56
C LEU A 703 10.94 47.74 2.70
N LYS A 708 14.50 43.36 4.16
CA LYS A 708 13.92 42.31 3.34
C LYS A 708 13.15 41.31 4.21
N MET A 709 11.82 41.46 4.24
CA MET A 709 10.95 40.63 5.06
C MET A 709 9.93 39.92 4.19
N VAL A 710 9.78 38.61 4.38
CA VAL A 710 8.83 37.79 3.65
C VAL A 710 7.93 37.08 4.66
N LYS A 711 6.62 37.24 4.49
CA LYS A 711 5.63 36.57 5.31
C LYS A 711 4.76 35.67 4.45
N VAL A 712 4.36 34.53 5.01
CA VAL A 712 3.64 33.49 4.28
C VAL A 712 2.34 33.16 5.02
N TYR A 713 1.23 33.10 4.27
CA TYR A 713 -0.10 32.88 4.81
C TYR A 713 -0.79 31.79 4.00
N THR A 714 -1.53 30.91 4.67
CA THR A 714 -2.17 29.77 4.00
C THR A 714 -3.68 29.72 4.19
N LYS A 715 -4.31 30.79 4.68
CA LYS A 715 -5.75 30.86 4.89
C LYS A 715 -6.24 29.86 5.94
N THR A 716 -5.89 28.58 5.79
CA THR A 716 -6.39 27.57 6.73
C THR A 716 -5.78 27.74 8.11
N ASP A 717 -4.48 28.04 8.19
CA ASP A 717 -3.82 28.24 9.47
C ASP A 717 -3.19 29.62 9.60
N GLY A 718 -3.53 30.55 8.71
CA GLY A 718 -3.01 31.91 8.83
C GLY A 718 -1.54 31.98 8.51
N VAL A 719 -0.77 32.65 9.38
CA VAL A 719 0.65 32.82 9.17
C VAL A 719 1.38 31.49 9.34
N VAL A 720 2.26 31.19 8.40
CA VAL A 720 3.14 30.03 8.47
C VAL A 720 4.56 30.48 8.18
N ALA A 721 5.51 29.62 8.50
CA ALA A 721 6.90 29.85 8.16
C ALA A 721 7.38 28.72 7.25
N ILE A 722 8.53 28.92 6.65
CA ILE A 722 9.11 27.96 5.72
C ILE A 722 10.14 27.12 6.46
N HIS A 723 9.99 25.81 6.38
CA HIS A 723 10.88 24.90 7.11
C HIS A 723 12.31 25.10 6.64
N PRO A 724 13.29 25.12 7.56
CA PRO A 724 14.67 25.44 7.17
C PRO A 724 15.26 24.49 6.14
N LYS A 725 14.73 23.26 6.01
CA LYS A 725 15.25 22.34 5.01
C LYS A 725 14.92 22.81 3.59
N SER A 726 13.81 23.54 3.43
CA SER A 726 13.38 23.98 2.12
C SER A 726 14.43 24.88 1.47
N VAL A 727 14.29 25.05 0.15
CA VAL A 727 15.20 25.91 -0.59
C VAL A 727 14.76 27.36 -0.58
N ASN A 728 13.50 27.64 -0.26
CA ASN A 728 12.95 28.99 -0.29
C ASN A 728 12.92 29.64 1.09
N VAL A 729 13.79 29.21 2.01
CA VAL A 729 13.80 29.78 3.35
C VAL A 729 14.30 31.23 3.31
N GLU A 730 15.55 31.42 2.88
CA GLU A 730 16.13 32.74 2.80
C GLU A 730 15.76 33.48 1.50
N GLN A 731 14.79 32.97 0.75
CA GLN A 731 14.41 33.59 -0.51
C GLN A 731 13.62 34.86 -0.27
N THR A 732 14.07 35.96 -0.89
CA THR A 732 13.36 37.22 -0.85
C THR A 732 12.95 37.71 -2.24
N GLU A 733 13.33 37.00 -3.30
CA GLU A 733 13.03 37.39 -4.67
C GLU A 733 12.17 36.30 -5.30
N PHE A 734 10.88 36.57 -5.46
CA PHE A 734 9.94 35.63 -6.04
C PHE A 734 9.34 36.21 -7.30
N ASN A 735 9.26 35.39 -8.35
CA ASN A 735 8.56 35.80 -9.56
C ASN A 735 7.06 35.87 -9.37
N TYR A 736 6.53 35.13 -8.41
CA TYR A 736 5.10 35.13 -8.11
C TYR A 736 4.92 35.15 -6.60
N ASN A 737 3.77 35.66 -6.17
CA ASN A 737 3.44 35.80 -4.76
C ASN A 737 2.60 34.63 -4.24
N TRP A 738 2.81 33.43 -4.77
CA TRP A 738 2.03 32.27 -4.38
C TRP A 738 2.90 31.02 -4.34
N LEU A 739 2.70 30.21 -3.32
CA LEU A 739 3.39 28.95 -3.15
C LEU A 739 2.38 27.82 -3.03
N ILE A 740 2.79 26.63 -3.47
CA ILE A 740 2.04 25.40 -3.25
C ILE A 740 2.90 24.47 -2.41
N TYR A 741 2.26 23.81 -1.43
CA TYR A 741 2.97 22.93 -0.52
C TYR A 741 2.24 21.60 -0.44
N HIS A 742 2.93 20.61 0.10
CA HIS A 742 2.36 19.28 0.32
C HIS A 742 2.37 18.85 1.78
N LEU A 743 3.40 19.20 2.53
CA LEU A 743 3.56 18.75 3.91
C LEU A 743 3.59 19.94 4.85
N LYS A 744 2.86 19.83 5.95
CA LYS A 744 2.85 20.82 7.02
C LYS A 744 3.35 20.18 8.30
N MET A 745 3.97 21.00 9.15
CA MET A 745 4.50 20.52 10.43
C MET A 745 4.24 21.55 11.52
N ARG A 746 3.72 21.08 12.64
CA ARG A 746 3.54 21.88 13.83
C ARG A 746 3.79 20.98 15.03
N THR A 747 4.91 21.11 15.75
CA THR A 747 5.97 22.15 15.72
C THR A 747 5.44 23.58 15.89
N SER A 748 4.43 23.72 16.76
CA SER A 748 3.90 25.02 17.17
C SER A 748 3.53 25.86 15.96
N SER A 749 4.36 26.85 15.62
CA SER A 749 4.14 27.63 14.41
C SER A 749 4.24 26.73 13.18
N ILE A 750 3.28 26.86 12.27
CA ILE A 750 3.17 25.94 11.15
C ILE A 750 4.34 26.16 10.19
N TYR A 751 4.98 25.05 9.79
CA TYR A 751 6.12 25.06 8.88
C TYR A 751 5.72 24.37 7.59
N LEU A 752 6.11 24.96 6.45
CA LEU A 752 5.92 24.34 5.15
C LEU A 752 7.17 23.54 4.81
N TYR A 753 7.03 22.22 4.77
CA TYR A 753 8.18 21.34 4.51
C TYR A 753 8.71 21.55 3.09
N ASP A 754 7.84 21.48 2.10
CA ASP A 754 8.20 21.55 0.70
C ASP A 754 7.25 22.51 0.00
N CYS A 755 7.81 23.50 -0.71
CA CYS A 755 6.98 24.48 -1.40
C CYS A 755 7.68 24.96 -2.66
N THR A 756 6.88 25.29 -3.67
CA THR A 756 7.35 25.86 -4.92
C THR A 756 6.49 27.06 -5.28
N GLU A 757 7.11 28.11 -5.83
CA GLU A 757 6.34 29.21 -6.34
C GLU A 757 5.57 28.77 -7.58
N VAL A 758 4.37 29.33 -7.75
CA VAL A 758 3.49 28.94 -8.83
C VAL A 758 2.76 30.18 -9.36
N SER A 759 2.47 30.15 -10.65
CA SER A 759 1.78 31.27 -11.28
C SER A 759 0.32 31.33 -10.84
N PRO A 760 -0.25 32.53 -10.71
CA PRO A 760 -1.68 32.63 -10.36
C PRO A 760 -2.60 32.02 -11.39
N TYR A 761 -2.14 31.83 -12.62
CA TYR A 761 -2.96 31.22 -13.65
C TYR A 761 -3.03 29.70 -13.51
N CYS A 762 -2.07 29.09 -12.81
CA CYS A 762 -2.20 27.68 -12.46
C CYS A 762 -3.21 27.49 -11.35
N LEU A 763 -3.21 28.39 -10.36
CA LEU A 763 -4.23 28.36 -9.32
C LEU A 763 -5.61 28.68 -9.89
N LEU A 764 -5.68 29.49 -10.94
CA LEU A 764 -6.95 29.84 -11.54
C LEU A 764 -7.62 28.62 -12.18
N PHE A 765 -6.86 27.85 -12.94
CA PHE A 765 -7.43 26.74 -13.69
C PHE A 765 -7.75 25.55 -12.78
N PHE A 766 -6.78 25.11 -11.98
CA PHE A 766 -6.95 23.94 -11.14
C PHE A 766 -7.55 24.25 -9.78
N GLY A 767 -8.00 25.49 -9.57
CA GLY A 767 -8.51 25.93 -8.28
C GLY A 767 -9.97 25.62 -8.09
N GLY A 768 -10.60 26.42 -7.23
CA GLY A 768 -12.01 26.30 -6.90
C GLY A 768 -12.85 27.30 -7.67
N ASP A 769 -13.88 27.83 -7.00
CA ASP A 769 -14.82 28.73 -7.65
C ASP A 769 -14.12 30.01 -8.10
N ILE A 770 -14.57 30.53 -9.24
CA ILE A 770 -13.98 31.71 -9.86
C ILE A 770 -15.03 32.82 -9.85
N SER A 771 -14.64 34.01 -9.39
CA SER A 771 -15.54 35.14 -9.31
C SER A 771 -14.83 36.40 -9.81
N ILE A 772 -15.56 37.25 -10.51
CA ILE A 772 -15.05 38.51 -11.02
C ILE A 772 -15.50 39.62 -10.08
N GLN A 773 -14.56 40.26 -9.41
CA GLN A 773 -14.85 41.32 -8.45
C GLN A 773 -14.68 42.67 -9.12
N LYS A 774 -15.67 43.55 -8.94
CA LYS A 774 -15.67 44.88 -9.55
C LYS A 774 -15.53 45.92 -8.45
N ASP A 775 -14.47 46.71 -8.51
CA ASP A 775 -14.23 47.80 -7.58
C ASP A 775 -14.54 49.16 -8.20
N ASN A 776 -15.30 49.18 -9.30
CA ASN A 776 -15.56 50.39 -10.07
C ASN A 776 -14.28 51.01 -10.61
N ASP A 777 -13.28 51.20 -9.75
CA ASP A 777 -11.99 51.70 -10.20
C ASP A 777 -11.29 50.66 -11.10
N GLN A 778 -11.41 49.38 -10.77
CA GLN A 778 -10.74 48.34 -11.53
C GLN A 778 -11.38 47.00 -11.23
N GLU A 779 -11.12 46.03 -12.11
CA GLU A 779 -11.64 44.67 -11.97
C GLU A 779 -10.52 43.71 -11.61
N THR A 780 -10.88 42.66 -10.86
CA THR A 780 -9.93 41.64 -10.45
C THR A 780 -10.61 40.28 -10.51
N ILE A 781 -9.80 39.23 -10.57
CA ILE A 781 -10.26 37.85 -10.58
C ILE A 781 -9.89 37.20 -9.25
N ALA A 782 -10.81 36.41 -8.71
CA ALA A 782 -10.60 35.74 -7.44
C ALA A 782 -10.76 34.24 -7.58
N VAL A 783 -9.95 33.48 -6.84
CA VAL A 783 -10.08 32.04 -6.74
C VAL A 783 -10.33 31.71 -5.28
N ASP A 784 -11.50 31.12 -5.00
CA ASP A 784 -11.90 30.77 -3.63
C ASP A 784 -11.85 32.00 -2.73
N GLU A 785 -12.26 33.14 -3.28
CA GLU A 785 -12.38 34.42 -2.59
C GLU A 785 -11.04 35.00 -2.15
N TRP A 786 -10.18 34.21 -1.51
CA TRP A 786 -8.98 34.78 -0.91
C TRP A 786 -7.83 34.89 -1.91
N ILE A 787 -7.76 34.01 -2.90
CA ILE A 787 -6.71 34.08 -3.93
C ILE A 787 -7.13 35.17 -4.92
N ILE A 788 -6.61 36.38 -4.73
CA ILE A 788 -6.97 37.54 -5.55
C ILE A 788 -5.72 38.03 -6.26
N PHE A 789 -5.86 38.37 -7.55
CA PHE A 789 -4.77 38.94 -8.31
C PHE A 789 -5.33 39.68 -9.52
N GLN A 790 -4.62 40.74 -9.90
CA GLN A 790 -5.03 41.57 -11.03
C GLN A 790 -4.90 40.79 -12.33
N SER A 791 -5.99 40.71 -13.09
CA SER A 791 -6.02 39.94 -14.31
C SER A 791 -7.22 40.39 -15.14
N PRO A 792 -7.13 40.33 -16.47
CA PRO A 792 -8.29 40.68 -17.30
C PRO A 792 -9.45 39.73 -17.04
N ALA A 793 -10.65 40.31 -16.91
CA ALA A 793 -11.82 39.55 -16.46
C ALA A 793 -12.18 38.43 -17.42
N ARG A 794 -11.89 38.60 -18.72
CA ARG A 794 -12.26 37.57 -19.69
C ARG A 794 -11.48 36.28 -19.50
N ILE A 795 -10.34 36.33 -18.80
CA ILE A 795 -9.63 35.09 -18.47
C ILE A 795 -10.51 34.18 -17.62
N ALA A 796 -11.30 34.76 -16.73
CA ALA A 796 -12.22 33.96 -15.91
C ALA A 796 -13.21 33.21 -16.78
N HIS A 797 -13.70 33.85 -17.84
CA HIS A 797 -14.61 33.16 -18.75
C HIS A 797 -13.88 32.09 -19.53
N LEU A 798 -12.62 32.34 -19.91
CA LEU A 798 -11.85 31.34 -20.63
C LEU A 798 -11.61 30.10 -19.79
N VAL A 799 -11.27 30.29 -18.51
CA VAL A 799 -11.04 29.15 -17.62
C VAL A 799 -12.31 28.34 -17.43
N LYS A 800 -13.46 29.03 -17.30
CA LYS A 800 -14.72 28.32 -17.16
C LYS A 800 -15.00 27.45 -18.38
N GLU A 801 -14.63 27.93 -19.58
CA GLU A 801 -14.86 27.16 -20.78
C GLU A 801 -13.82 26.05 -20.95
N LEU A 802 -12.58 26.31 -20.57
CA LEU A 802 -11.54 25.30 -20.69
C LEU A 802 -11.71 24.18 -19.67
N ARG A 803 -12.18 24.51 -18.46
CA ARG A 803 -12.53 23.47 -17.51
C ARG A 803 -13.61 22.56 -18.06
N LYS A 804 -14.60 23.14 -18.75
CA LYS A 804 -15.69 22.35 -19.31
C LYS A 804 -15.20 21.41 -20.40
N GLU A 805 -14.30 21.89 -21.27
CA GLU A 805 -13.74 21.02 -22.29
C GLU A 805 -12.87 19.93 -21.68
N LEU A 806 -12.19 20.23 -20.58
CA LEU A 806 -11.42 19.21 -19.88
C LEU A 806 -12.35 18.13 -19.32
N ASP A 807 -13.54 18.51 -18.87
CA ASP A 807 -14.50 17.53 -18.40
C ASP A 807 -15.01 16.65 -19.54
N ILE A 808 -15.23 17.25 -20.72
CA ILE A 808 -15.66 16.48 -21.87
C ILE A 808 -14.56 15.51 -22.31
N LEU A 809 -13.30 15.95 -22.25
CA LEU A 809 -12.19 15.06 -22.57
C LEU A 809 -12.15 13.88 -21.61
N LEU A 810 -12.25 14.14 -20.31
CA LEU A 810 -12.20 13.07 -19.33
C LEU A 810 -13.45 12.19 -19.38
N GLN A 811 -14.60 12.77 -19.75
CA GLN A 811 -15.82 11.98 -19.86
C GLN A 811 -15.69 10.94 -20.97
N GLU A 812 -15.24 11.37 -22.15
CA GLU A 812 -15.03 10.44 -23.26
C GLU A 812 -13.94 9.42 -22.95
N LYS A 813 -13.04 9.74 -22.02
CA LYS A 813 -12.02 8.79 -21.58
C LYS A 813 -12.55 7.74 -20.62
N ILE A 814 -13.79 7.89 -20.13
CA ILE A 814 -14.31 6.98 -19.12
C ILE A 814 -14.70 5.64 -19.74
N GLU A 815 -15.45 5.68 -20.84
CA GLU A 815 -15.95 4.44 -21.44
C GLU A 815 -14.81 3.61 -22.01
N SER A 816 -13.91 4.24 -22.77
CA SER A 816 -12.75 3.56 -23.34
C SER A 816 -11.55 4.48 -23.20
N PRO A 817 -10.70 4.27 -22.19
CA PRO A 817 -9.53 5.11 -22.00
C PRO A 817 -8.48 4.86 -23.08
N HIS A 818 -7.89 5.95 -23.57
CA HIS A 818 -6.82 5.90 -24.55
C HIS A 818 -5.91 7.09 -24.29
N PRO A 819 -4.59 6.88 -24.30
CA PRO A 819 -3.67 8.00 -24.04
C PRO A 819 -3.79 9.08 -25.09
N VAL A 820 -3.54 10.32 -24.67
CA VAL A 820 -3.63 11.46 -25.58
C VAL A 820 -2.50 11.36 -26.60
N ASP A 821 -2.85 11.28 -27.88
CA ASP A 821 -1.88 11.17 -28.96
C ASP A 821 -1.37 12.57 -29.28
N TRP A 822 -0.26 12.95 -28.64
CA TRP A 822 0.25 14.31 -28.77
C TRP A 822 0.90 14.59 -30.11
N LYS A 823 1.28 13.54 -30.85
CA LYS A 823 1.80 13.73 -32.20
C LYS A 823 0.76 14.32 -33.14
N ASP A 824 -0.53 14.12 -32.86
CA ASP A 824 -1.61 14.61 -33.70
C ASP A 824 -1.78 16.10 -33.42
N THR A 825 -1.31 16.95 -34.35
CA THR A 825 -1.41 18.39 -34.17
C THR A 825 -2.86 18.87 -34.23
N LYS A 826 -3.62 18.34 -35.18
CA LYS A 826 -5.01 18.76 -35.37
C LYS A 826 -5.96 17.69 -34.80
N SER A 827 -5.99 17.61 -33.47
CA SER A 827 -6.89 16.71 -32.77
C SER A 827 -7.61 17.49 -31.67
N ARG A 828 -8.78 16.99 -31.29
CA ARG A 828 -9.60 17.70 -30.31
C ARG A 828 -9.00 17.61 -28.91
N ASP A 829 -8.50 16.43 -28.53
CA ASP A 829 -7.93 16.27 -27.20
C ASP A 829 -6.66 17.11 -27.03
N CYS A 830 -5.82 17.15 -28.06
CA CYS A 830 -4.60 17.97 -27.96
C CYS A 830 -4.94 19.46 -28.00
N ALA A 831 -5.94 19.85 -28.78
CA ALA A 831 -6.33 21.26 -28.85
C ALA A 831 -6.79 21.77 -27.49
N VAL A 832 -7.54 20.95 -26.75
CA VAL A 832 -7.98 21.34 -25.43
C VAL A 832 -6.79 21.43 -24.48
N LEU A 833 -5.93 20.41 -24.49
CA LEU A 833 -4.78 20.39 -23.59
C LEU A 833 -3.78 21.48 -23.96
N SER A 834 -3.63 21.76 -25.25
CA SER A 834 -2.74 22.84 -25.68
C SER A 834 -3.25 24.19 -25.21
N ALA A 835 -4.57 24.40 -25.27
CA ALA A 835 -5.15 25.66 -24.82
C ALA A 835 -4.93 25.87 -23.33
N ILE A 836 -5.04 24.79 -22.54
CA ILE A 836 -4.74 24.88 -21.12
C ILE A 836 -3.26 25.19 -20.91
N ILE A 837 -2.40 24.57 -21.72
CA ILE A 837 -0.96 24.79 -21.59
C ILE A 837 -0.59 26.22 -21.95
N ASP A 838 -1.19 26.75 -23.04
CA ASP A 838 -0.93 28.13 -23.41
C ASP A 838 -1.40 29.09 -22.31
N LEU A 839 -2.52 28.77 -21.65
CA LEU A 839 -2.99 29.58 -20.54
C LEU A 839 -2.00 29.54 -19.38
N ILE A 840 -1.45 28.35 -19.10
CA ILE A 840 -0.48 28.22 -18.02
C ILE A 840 0.79 29.00 -18.34
N LYS A 841 1.30 28.88 -19.58
CA LYS A 841 2.52 29.57 -19.94
C LYS A 841 2.31 31.08 -20.02
N THR A 842 1.12 31.52 -20.42
CA THR A 842 0.83 32.95 -20.52
C THR A 842 -0.43 33.31 -19.74
MG MG B . -4.19 -18.32 5.20
BE BEF C . -2.57 -18.86 7.60
F1 BEF C . -2.82 -17.80 6.52
F2 BEF C . -3.61 -18.80 8.76
F3 BEF C . -1.17 -18.62 8.23
PB ADP D . -3.33 -21.19 6.47
O1B ADP D . -4.26 -20.82 5.34
O2B ADP D . -3.99 -21.97 7.59
O3B ADP D . -2.41 -20.09 6.94
PA ADP D . -2.04 -22.40 4.25
O1A ADP D . -3.22 -23.06 3.60
O2A ADP D . -1.54 -21.07 3.73
O3A ADP D . -2.33 -22.29 5.84
O5' ADP D . -0.82 -23.45 4.26
C5' ADP D . -1.12 -24.83 4.42
C4' ADP D . 0.17 -25.63 4.62
O4' ADP D . 0.72 -26.00 3.35
C3' ADP D . 1.24 -24.83 5.35
O3' ADP D . 1.23 -25.09 6.76
C2' ADP D . 2.54 -25.33 4.74
O2' ADP D . 3.09 -26.36 5.58
C1' ADP D . 2.15 -25.95 3.40
N9 ADP D . 2.65 -25.03 2.35
C8 ADP D . 2.03 -23.92 1.92
N7 ADP D . 2.75 -23.30 0.96
C5 ADP D . 3.88 -24.02 0.78
C6 ADP D . 5.07 -23.93 -0.09
N6 ADP D . 5.22 -22.91 -0.97
N1 ADP D . 6.01 -24.90 0.02
C2 ADP D . 5.87 -25.91 0.90
N3 ADP D . 4.81 -26.06 1.72
C4 ADP D . 3.81 -25.16 1.70
#